data_3HR3
# 
_entry.id   3HR3 
# 
_audit_conform.dict_name       mmcif_pdbx.dic 
_audit_conform.dict_version    5.378 
_audit_conform.dict_location   http://mmcif.pdb.org/dictionaries/ascii/mmcif_pdbx.dic 
# 
loop_
_database_2.database_id 
_database_2.database_code 
_database_2.pdbx_database_accession 
_database_2.pdbx_DOI 
PDB   3HR3         pdb_00003hr3 10.2210/pdb3hr3/pdb 
NDB   NA0041       ?            ?                   
RCSB  RCSB053479   ?            ?                   
WWPDB D_1000053479 ?            ?                   
# 
_pdbx_database_status.status_code                     REL 
_pdbx_database_status.entry_id                        3HR3 
_pdbx_database_status.recvd_initial_deposition_date   2009-06-08 
_pdbx_database_status.deposit_site                    RCSB 
_pdbx_database_status.process_site                    RCSB 
_pdbx_database_status.status_code_sf                  REL 
_pdbx_database_status.status_code_mr                  ? 
_pdbx_database_status.SG_entry                        ? 
_pdbx_database_status.status_code_cs                  ? 
_pdbx_database_status.methods_development_category    ? 
_pdbx_database_status.pdb_format_compatible           Y 
_pdbx_database_status.status_code_nmr_data            ? 
# 
loop_
_audit_author.name 
_audit_author.pdbx_ordinal 
'Egli, M.'     1 
'Pallan, P.S.' 2 
# 
_citation.id                        primary 
_citation.title                     
;Interplay of structure, hydration and thermal stability in formacetal modified oligonucleotides: RNA may tolerate nonionic modifications better than DNA.
;
_citation.journal_abbrev            J.Am.Chem.Soc. 
_citation.journal_volume            131 
_citation.page_first                14932 
_citation.page_last                 14937 
_citation.year                      2009 
_citation.journal_id_ASTM           JACSAT 
_citation.country                   US 
_citation.journal_id_ISSN           0002-7863 
_citation.journal_id_CSD            0004 
_citation.book_publisher            ? 
_citation.pdbx_database_id_PubMed   19824732 
_citation.pdbx_database_id_DOI      10.1021/ja904926e 
# 
loop_
_citation_author.citation_id 
_citation_author.name 
_citation_author.ordinal 
_citation_author.identifier_ORCID 
primary 'Kolarovic, A.' 1 ? 
primary 'Schweizer, E.' 2 ? 
primary 'Greene, E.'    3 ? 
primary 'Gironda, M.'   4 ? 
primary 'Pallan, P.S.'  5 ? 
primary 'Egli, M.'      6 ? 
primary 'Rozners, E.'   7 ? 
# 
_cell.entry_id           3HR3 
_cell.length_a           33.199 
_cell.length_b           33.199 
_cell.length_c           68.508 
_cell.angle_alpha        90.00 
_cell.angle_beta         90.00 
_cell.angle_gamma        90.00 
_cell.Z_PDB              8 
_cell.pdbx_unique_axis   ? 
_cell.length_a_esd       ? 
_cell.length_b_esd       ? 
_cell.length_c_esd       ? 
_cell.angle_alpha_esd    ? 
_cell.angle_beta_esd     ? 
_cell.angle_gamma_esd    ? 
# 
_symmetry.entry_id                         3HR3 
_symmetry.space_group_name_H-M             'P 41 21 2' 
_symmetry.pdbx_full_space_group_name_H-M   ? 
_symmetry.cell_setting                     ? 
_symmetry.Int_Tables_number                92 
_symmetry.space_group_name_Hall            ? 
# 
loop_
_entity.id 
_entity.type 
_entity.src_method 
_entity.pdbx_description 
_entity.formula_weight 
_entity.pdbx_number_of_molecules 
_entity.pdbx_ec 
_entity.pdbx_mutation 
_entity.pdbx_fragment 
_entity.details 
1 polymer syn "5'-D(*GP*CP*GP*(US4)P*(OMU))P*AP*CP*GP*C)-3'" 3011.051 1  ? ? ? ? 
2 water   nat water                                          18.015   23 ? ? ? ? 
# 
_entity_poly.entity_id                      1 
_entity_poly.type                           polydeoxyribonucleotide 
_entity_poly.nstd_linkage                   no 
_entity_poly.nstd_monomer                   yes 
_entity_poly.pdbx_seq_one_letter_code       '(DG)(DC)(DG)(US4)(OMU)(DA)(DC)(DG)(DC)' 
_entity_poly.pdbx_seq_one_letter_code_can   GCGXUACGC 
_entity_poly.pdbx_strand_id                 A 
_entity_poly.pdbx_target_identifier         ? 
# 
loop_
_entity_poly_seq.entity_id 
_entity_poly_seq.num 
_entity_poly_seq.mon_id 
_entity_poly_seq.hetero 
1 1 DG  n 
1 2 DC  n 
1 3 DG  n 
1 4 US4 n 
1 5 OMU n 
1 6 DA  n 
1 7 DC  n 
1 8 DG  n 
1 9 DC  n 
# 
_pdbx_entity_src_syn.entity_id              1 
_pdbx_entity_src_syn.pdbx_src_id            1 
_pdbx_entity_src_syn.pdbx_alt_source_flag   sample 
_pdbx_entity_src_syn.pdbx_beg_seq_num       ? 
_pdbx_entity_src_syn.pdbx_end_seq_num       ? 
_pdbx_entity_src_syn.organism_scientific    ? 
_pdbx_entity_src_syn.organism_common_name   ? 
_pdbx_entity_src_syn.ncbi_taxonomy_id       32630 
_pdbx_entity_src_syn.details                
;Chemically synthesize deoxyribonucleotide, US4 = Formacetal linked thymidine and 2'-deoxyadenosine (TfA)
;
# 
_struct_ref.id                         1 
_struct_ref.db_name                    PDB 
_struct_ref.db_code                    3HR3 
_struct_ref.pdbx_db_accession          3HR3 
_struct_ref.entity_id                  1 
_struct_ref.pdbx_align_begin           ? 
_struct_ref.pdbx_seq_one_letter_code   GCGNUACGC 
_struct_ref.pdbx_db_isoform            ? 
# 
_struct_ref_seq.align_id                      1 
_struct_ref_seq.ref_id                        1 
_struct_ref_seq.pdbx_PDB_id_code              3HR3 
_struct_ref_seq.pdbx_strand_id                A 
_struct_ref_seq.seq_align_beg                 1 
_struct_ref_seq.pdbx_seq_align_beg_ins_code   ? 
_struct_ref_seq.seq_align_end                 9 
_struct_ref_seq.pdbx_seq_align_end_ins_code   ? 
_struct_ref_seq.pdbx_db_accession             3HR3 
_struct_ref_seq.db_align_beg                  1 
_struct_ref_seq.pdbx_db_align_beg_ins_code    ? 
_struct_ref_seq.db_align_end                  10 
_struct_ref_seq.pdbx_db_align_end_ins_code    ? 
_struct_ref_seq.pdbx_auth_seq_align_beg       1 
_struct_ref_seq.pdbx_auth_seq_align_end       10 
# 
loop_
_chem_comp.id 
_chem_comp.type 
_chem_comp.mon_nstd_flag 
_chem_comp.name 
_chem_comp.pdbx_synonyms 
_chem_comp.formula 
_chem_comp.formula_weight 
DA  'DNA linking' y "2'-DEOXYADENOSINE-5'-MONOPHOSPHATE" ? 'C10 H14 N5 O6 P'  331.222 
DC  'DNA linking' y "2'-DEOXYCYTIDINE-5'-MONOPHOSPHATE" ? 'C9 H14 N3 O7 P'   307.197 
DG  'DNA linking' y "2'-DEOXYGUANOSINE-5'-MONOPHOSPHATE" ? 'C10 H14 N5 O7 P'  347.221 
HOH non-polymer   . WATER ? 'H2 O'             18.015  
OMU 'RNA linking' n 
;O2'-METHYLURIDINE 5'-MONOPHOSPHATE
;
? 'C10 H15 N2 O9 P'  338.208 
US4 'DNA linking' . 
;[(2R,3S,5R)-3-({[(2R,3S,5R)-5-(6-amino-9H-purin-9-yl)-3-hydroxytetrahydrofuran-2-yl]methoxy}methoxy)-5-(5-methyl-2,4-dioxo-3,4-dihydropyrimidin-1(2H)-yl)tetrahydrofuran-2-yl]methyl dihydrogen phosphate
;
? 'C21 H28 N7 O11 P' 585.461 
# 
_exptl.entry_id          3HR3 
_exptl.method            'X-RAY DIFFRACTION' 
_exptl.crystals_number   1 
# 
_exptl_crystal.id                    1 
_exptl_crystal.density_meas          ? 
_exptl_crystal.density_Matthews      3.13 
_exptl_crystal.density_percent_sol   60.76 
_exptl_crystal.description           ? 
_exptl_crystal.F_000                 ? 
_exptl_crystal.preparation           ? 
# 
_exptl_crystal_grow.crystal_id      1 
_exptl_crystal_grow.method          'VAPOR DIFFUSION, HANGING DROP' 
_exptl_crystal_grow.temp            291 
_exptl_crystal_grow.temp_details    ? 
_exptl_crystal_grow.pH              6.0 
_exptl_crystal_grow.pdbx_details    
;Sodium cacodylate (20 
mM, pH 6.0), potassium chloride (40 mM), magnesium chloride (10 mM), spermine tetrahydrochloride (6 mM), and 2-methyl-2,4-pentanediol (MPD 5% v/v) 
, VAPOR DIFFUSION, HANGING DROP, temperature 291K
;
_exptl_crystal_grow.pdbx_pH_range   ? 
# 
_diffrn.id                     1 
_diffrn.ambient_temp           110 
_diffrn.ambient_temp_details   ? 
_diffrn.crystal_id             1 
# 
_diffrn_detector.diffrn_id              1 
_diffrn_detector.detector               CCD 
_diffrn_detector.type                   'ADSC QUANTUM 315r' 
_diffrn_detector.pdbx_collection_date   2009-01-20 
_diffrn_detector.details                'Monochromator Si(111)' 
# 
_diffrn_radiation.diffrn_id                        1 
_diffrn_radiation.wavelength_id                    1 
_diffrn_radiation.pdbx_monochromatic_or_laue_m_l   M 
_diffrn_radiation.monochromator                    'Si(111)' 
_diffrn_radiation.pdbx_diffrn_protocol             'SINGLE WAVELENGTH' 
_diffrn_radiation.pdbx_scattering_type             x-ray 
# 
_diffrn_radiation_wavelength.id           1 
_diffrn_radiation_wavelength.wavelength   0.9795 
_diffrn_radiation_wavelength.wt           1.0 
# 
_diffrn_source.diffrn_id                   1 
_diffrn_source.source                      SYNCHROTRON 
_diffrn_source.type                        'NSLS BEAMLINE X25' 
_diffrn_source.pdbx_synchrotron_site       NSLS 
_diffrn_source.pdbx_synchrotron_beamline   X25 
_diffrn_source.pdbx_wavelength             ? 
_diffrn_source.pdbx_wavelength_list        0.9795 
# 
_reflns.entry_id                     3HR3 
_reflns.observed_criterion_sigma_I   ? 
_reflns.observed_criterion_sigma_F   0.0 
_reflns.d_resolution_low             50 
_reflns.d_resolution_high            1.75 
_reflns.number_obs                   4006 
_reflns.number_all                   4208 
_reflns.percent_possible_obs         95.2 
_reflns.pdbx_Rmerge_I_obs            0.058 
_reflns.pdbx_Rsym_value              ? 
_reflns.pdbx_netI_over_sigmaI        18.7 
_reflns.B_iso_Wilson_estimate        ? 
_reflns.pdbx_redundancy              17 
_reflns.R_free_details               ? 
_reflns.limit_h_max                  ? 
_reflns.limit_h_min                  ? 
_reflns.limit_k_max                  ? 
_reflns.limit_k_min                  ? 
_reflns.limit_l_max                  ? 
_reflns.limit_l_min                  ? 
_reflns.observed_criterion_F_max     ? 
_reflns.observed_criterion_F_min     ? 
_reflns.pdbx_chi_squared             ? 
_reflns.pdbx_scaling_rejects         ? 
_reflns.pdbx_ordinal                 1 
_reflns.pdbx_diffrn_id               1 
# 
_reflns_shell.d_res_high             1.75 
_reflns_shell.d_res_low              1.78 
_reflns_shell.percent_possible_all   72.4 
_reflns_shell.Rmerge_I_obs           0.187 
_reflns_shell.pdbx_Rsym_value        ? 
_reflns_shell.meanI_over_sigI_obs    ? 
_reflns_shell.pdbx_redundancy        5.8 
_reflns_shell.percent_possible_obs   ? 
_reflns_shell.number_unique_all      139 
_reflns_shell.number_measured_all    ? 
_reflns_shell.number_measured_obs    ? 
_reflns_shell.number_unique_obs      ? 
_reflns_shell.pdbx_chi_squared       ? 
_reflns_shell.pdbx_ordinal           1 
_reflns_shell.pdbx_diffrn_id         1 
# 
_refine.entry_id                                 3HR3 
_refine.ls_number_reflns_obs                     3714 
_refine.ls_number_reflns_all                     ? 
_refine.pdbx_ls_sigma_I                          ? 
_refine.pdbx_ls_sigma_F                          0.0 
_refine.pdbx_data_cutoff_high_absF               ? 
_refine.pdbx_data_cutoff_low_absF                ? 
_refine.pdbx_data_cutoff_high_rms_absF           ? 
_refine.ls_d_res_low                             29.88 
_refine.ls_d_res_high                            1.75 
_refine.ls_percent_reflns_obs                    95.00 
_refine.ls_R_factor_obs                          0.23147 
_refine.ls_R_factor_all                          ? 
_refine.ls_R_factor_R_work                       0.22786 
_refine.ls_R_factor_R_free                       0.28185 
_refine.ls_R_factor_R_free_error                 ? 
_refine.ls_R_factor_R_free_error_details         ? 
_refine.ls_percent_reflns_R_free                 7.3 
_refine.ls_number_reflns_R_free                  291 
_refine.ls_number_parameters                     ? 
_refine.ls_number_restraints                     ? 
_refine.occupancy_min                            ? 
_refine.occupancy_max                            ? 
_refine.correlation_coeff_Fo_to_Fc               0.960 
_refine.correlation_coeff_Fo_to_Fc_free          0.940 
_refine.B_iso_mean                               35.242 
_refine.aniso_B[1][1]                            1.35 
_refine.aniso_B[2][2]                            1.35 
_refine.aniso_B[3][3]                            -2.71 
_refine.aniso_B[1][2]                            0.00 
_refine.aniso_B[1][3]                            0.00 
_refine.aniso_B[2][3]                            0.00 
_refine.solvent_model_details                    MASK 
_refine.solvent_model_param_ksol                 ? 
_refine.solvent_model_param_bsol                 ? 
_refine.pdbx_solvent_vdw_probe_radii             1.40 
_refine.pdbx_solvent_ion_probe_radii             0.80 
_refine.pdbx_solvent_shrinkage_radii             0.80 
_refine.pdbx_ls_cross_valid_method               THROUGHOUT 
_refine.details                                  ? 
_refine.pdbx_starting_model                      'Single strand from the duplex of PDB ID 411D.' 
_refine.pdbx_method_to_determine_struct          'MOLECULAR REPLACEMENT' 
_refine.pdbx_isotropic_thermal_model             ? 
_refine.pdbx_stereochemistry_target_values       'MAXIMUM LIKELIHOOD' 
_refine.pdbx_stereochem_target_val_spec_case     ? 
_refine.pdbx_R_Free_selection_details            RANDOM 
_refine.pdbx_overall_ESU_R                       0.156 
_refine.pdbx_overall_ESU_R_Free                  0.128 
_refine.overall_SU_ML                            0.099 
_refine.overall_SU_B                             7.139 
_refine.ls_redundancy_reflns_obs                 ? 
_refine.B_iso_min                                ? 
_refine.B_iso_max                                ? 
_refine.overall_SU_R_Cruickshank_DPI             ? 
_refine.overall_SU_R_free                        ? 
_refine.ls_wR_factor_R_free                      ? 
_refine.ls_wR_factor_R_work                      ? 
_refine.overall_FOM_free_R_set                   ? 
_refine.overall_FOM_work_R_set                   ? 
_refine.pdbx_overall_phase_error                 ? 
_refine.pdbx_refine_id                           'X-RAY DIFFRACTION' 
_refine.pdbx_diffrn_id                           1 
_refine.pdbx_TLS_residual_ADP_flag               ? 
_refine.pdbx_overall_SU_R_free_Cruickshank_DPI   ? 
_refine.pdbx_overall_SU_R_Blow_DPI               ? 
_refine.pdbx_overall_SU_R_free_Blow_DPI          ? 
# 
_refine_hist.pdbx_refine_id                   'X-RAY DIFFRACTION' 
_refine_hist.cycle_id                         LAST 
_refine_hist.pdbx_number_atoms_protein        0 
_refine_hist.pdbx_number_atoms_nucleic_acid   201 
_refine_hist.pdbx_number_atoms_ligand         0 
_refine_hist.number_atoms_solvent             23 
_refine_hist.number_atoms_total               224 
_refine_hist.d_res_high                       1.75 
_refine_hist.d_res_low                        29.88 
# 
loop_
_refine_ls_restr.type 
_refine_ls_restr.dev_ideal 
_refine_ls_restr.dev_ideal_target 
_refine_ls_restr.weight 
_refine_ls_restr.number 
_refine_ls_restr.pdbx_refine_id 
_refine_ls_restr.pdbx_restraint_function 
r_bond_refined_d     0.022 0.021 ? 225 'X-RAY DIFFRACTION' ? 
r_angle_refined_deg  3.037 2.974 ? 344 'X-RAY DIFFRACTION' ? 
r_chiral_restr       0.120 0.200 ? 39  'X-RAY DIFFRACTION' ? 
r_gen_planes_refined 0.015 0.020 ? 104 'X-RAY DIFFRACTION' ? 
r_scbond_it          3.515 3.000 ? 225 'X-RAY DIFFRACTION' ? 
r_scangle_it         4.519 4.500 ? 343 'X-RAY DIFFRACTION' ? 
r_rigid_bond_restr   3.280 3.000 ? 225 'X-RAY DIFFRACTION' ? 
r_sphericity_free    7.990 3.000 ? 29  'X-RAY DIFFRACTION' ? 
r_sphericity_bonded  6.083 3.000 ? 201 'X-RAY DIFFRACTION' ? 
# 
_refine_ls_shell.pdbx_total_number_of_bins_used   20 
_refine_ls_shell.d_res_high                       1.753 
_refine_ls_shell.d_res_low                        1.799 
_refine_ls_shell.number_reflns_R_work             199 
_refine_ls_shell.R_factor_R_work                  0.376 
_refine_ls_shell.percent_reflns_obs               73.65 
_refine_ls_shell.R_factor_R_free                  0.373 
_refine_ls_shell.R_factor_R_free_error            ? 
_refine_ls_shell.percent_reflns_R_free            ? 
_refine_ls_shell.number_reflns_R_free             19 
_refine_ls_shell.number_reflns_all                ? 
_refine_ls_shell.R_factor_all                     ? 
_refine_ls_shell.number_reflns_obs                ? 
_refine_ls_shell.redundancy_reflns_obs            ? 
_refine_ls_shell.pdbx_refine_id                   'X-RAY DIFFRACTION' 
# 
_struct.entry_id                  3HR3 
_struct.title                     
;Interplay of Structure, Hydration and Thermal Stability in Formacetal Modified Oligonucleotides: RNA May Tolerate Hydrophobic Modifications Better than DNA
;
_struct.pdbx_model_details        ? 
_struct.pdbx_CASP_flag            ? 
_struct.pdbx_model_type_details   ? 
# 
_struct_keywords.entry_id        3HR3 
_struct_keywords.pdbx_keywords   DNA 
_struct_keywords.text            'DNA, RNA, formacetal-DNA, RNA hydration' 
# 
loop_
_struct_asym.id 
_struct_asym.pdbx_blank_PDB_chainid_flag 
_struct_asym.pdbx_modified 
_struct_asym.entity_id 
_struct_asym.details 
A N N 1 ? 
B N N 2 ? 
# 
_struct_biol.id        1 
_struct_biol.details   ? 
# 
loop_
_struct_conn.id 
_struct_conn.conn_type_id 
_struct_conn.pdbx_leaving_atom_flag 
_struct_conn.pdbx_PDB_id 
_struct_conn.ptnr1_label_asym_id 
_struct_conn.ptnr1_label_comp_id 
_struct_conn.ptnr1_label_seq_id 
_struct_conn.ptnr1_label_atom_id 
_struct_conn.pdbx_ptnr1_label_alt_id 
_struct_conn.pdbx_ptnr1_PDB_ins_code 
_struct_conn.pdbx_ptnr1_standard_comp_id 
_struct_conn.ptnr1_symmetry 
_struct_conn.ptnr2_label_asym_id 
_struct_conn.ptnr2_label_comp_id 
_struct_conn.ptnr2_label_seq_id 
_struct_conn.ptnr2_label_atom_id 
_struct_conn.pdbx_ptnr2_label_alt_id 
_struct_conn.pdbx_ptnr2_PDB_ins_code 
_struct_conn.ptnr1_auth_asym_id 
_struct_conn.ptnr1_auth_comp_id 
_struct_conn.ptnr1_auth_seq_id 
_struct_conn.ptnr2_auth_asym_id 
_struct_conn.ptnr2_auth_comp_id 
_struct_conn.ptnr2_auth_seq_id 
_struct_conn.ptnr2_symmetry 
_struct_conn.pdbx_ptnr3_label_atom_id 
_struct_conn.pdbx_ptnr3_label_seq_id 
_struct_conn.pdbx_ptnr3_label_comp_id 
_struct_conn.pdbx_ptnr3_label_asym_id 
_struct_conn.pdbx_ptnr3_label_alt_id 
_struct_conn.pdbx_ptnr3_PDB_ins_code 
_struct_conn.details 
_struct_conn.pdbx_dist_value 
_struct_conn.pdbx_value_order 
_struct_conn.pdbx_role 
covale1  covale both ? A DG  3 "O3'" ? ? ? 1_555 A US4 4 P  ? ? A DG  3  A US4 4  1_555 ? ? ? ? ? ? ?            1.553 ? ? 
covale2  covale both ? A US4 4 "OZ'" ? ? ? 1_555 A OMU 5 P  ? ? A US4 4  A OMU 6  1_555 ? ? ? ? ? ? ?            1.557 ? ? 
covale3  covale both ? A OMU 5 "O3'" ? ? ? 1_555 A DA  6 P  ? ? A OMU 6  A DA  7  1_555 ? ? ? ? ? ? ?            1.597 ? ? 
hydrog1  hydrog ?    ? A DG  1 N1    ? ? ? 1_555 A DC  9 N3 ? ? A DG  1  A DC  10 7_555 ? ? ? ? ? ? WATSON-CRICK ?     ? ? 
hydrog2  hydrog ?    ? A DG  1 N2    ? ? ? 1_555 A DC  9 O2 ? ? A DG  1  A DC  10 7_555 ? ? ? ? ? ? WATSON-CRICK ?     ? ? 
hydrog3  hydrog ?    ? A DG  1 O6    ? ? ? 1_555 A DC  9 N4 ? ? A DG  1  A DC  10 7_555 ? ? ? ? ? ? WATSON-CRICK ?     ? ? 
hydrog4  hydrog ?    ? A DC  2 N3    ? ? ? 1_555 A DG  8 N1 ? ? A DC  2  A DG  9  7_555 ? ? ? ? ? ? WATSON-CRICK ?     ? ? 
hydrog5  hydrog ?    ? A DC  2 N4    ? ? ? 1_555 A DG  8 O6 ? ? A DC  2  A DG  9  7_555 ? ? ? ? ? ? WATSON-CRICK ?     ? ? 
hydrog6  hydrog ?    ? A DC  2 O2    ? ? ? 1_555 A DG  8 N2 ? ? A DC  2  A DG  9  7_555 ? ? ? ? ? ? WATSON-CRICK ?     ? ? 
hydrog7  hydrog ?    ? A DG  3 N1    ? ? ? 1_555 A DC  7 N3 ? ? A DG  3  A DC  8  7_555 ? ? ? ? ? ? WATSON-CRICK ?     ? ? 
hydrog8  hydrog ?    ? A DG  3 N2    ? ? ? 1_555 A DC  7 O2 ? ? A DG  3  A DC  8  7_555 ? ? ? ? ? ? WATSON-CRICK ?     ? ? 
hydrog9  hydrog ?    ? A DG  3 O6    ? ? ? 1_555 A DC  7 N4 ? ? A DG  3  A DC  8  7_555 ? ? ? ? ? ? WATSON-CRICK ?     ? ? 
hydrog10 hydrog ?    ? A DC  7 N3    ? ? ? 1_555 A DG  3 N1 ? ? A DC  8  A DG  3  7_555 ? ? ? ? ? ? WATSON-CRICK ?     ? ? 
hydrog11 hydrog ?    ? A DC  7 N4    ? ? ? 1_555 A DG  3 O6 ? ? A DC  8  A DG  3  7_555 ? ? ? ? ? ? WATSON-CRICK ?     ? ? 
hydrog12 hydrog ?    ? A DC  7 O2    ? ? ? 1_555 A DG  3 N2 ? ? A DC  8  A DG  3  7_555 ? ? ? ? ? ? WATSON-CRICK ?     ? ? 
hydrog13 hydrog ?    ? A DG  8 N1    ? ? ? 1_555 A DC  2 N3 ? ? A DG  9  A DC  2  7_555 ? ? ? ? ? ? WATSON-CRICK ?     ? ? 
hydrog14 hydrog ?    ? A DG  8 N2    ? ? ? 1_555 A DC  2 O2 ? ? A DG  9  A DC  2  7_555 ? ? ? ? ? ? WATSON-CRICK ?     ? ? 
hydrog15 hydrog ?    ? A DG  8 O6    ? ? ? 1_555 A DC  2 N4 ? ? A DG  9  A DC  2  7_555 ? ? ? ? ? ? WATSON-CRICK ?     ? ? 
hydrog16 hydrog ?    ? A DC  9 N3    ? ? ? 1_555 A DG  1 N1 ? ? A DC  10 A DG  1  7_555 ? ? ? ? ? ? WATSON-CRICK ?     ? ? 
hydrog17 hydrog ?    ? A DC  9 N4    ? ? ? 1_555 A DG  1 O6 ? ? A DC  10 A DG  1  7_555 ? ? ? ? ? ? WATSON-CRICK ?     ? ? 
hydrog18 hydrog ?    ? A DC  9 O2    ? ? ? 1_555 A DG  1 N2 ? ? A DC  10 A DG  1  7_555 ? ? ? ? ? ? WATSON-CRICK ?     ? ? 
# 
loop_
_struct_conn_type.id 
_struct_conn_type.criteria 
_struct_conn_type.reference 
covale ? ? 
hydrog ? ? 
# 
_atom_sites.entry_id                    3HR3 
_atom_sites.fract_transf_matrix[1][1]   -0.00973514 
_atom_sites.fract_transf_matrix[1][2]   0.02634350 
_atom_sites.fract_transf_matrix[1][3]   0.01088677 
_atom_sites.fract_transf_matrix[2][1]   -0.01265191 
_atom_sites.fract_transf_matrix[2][2]   0.00631543 
_atom_sites.fract_transf_matrix[2][3]   -0.02659547 
_atom_sites.fract_transf_matrix[3][1]   -0.01237831 
_atom_sites.fract_transf_matrix[3][2]   -0.00638162 
_atom_sites.fract_transf_matrix[3][3]   0.00437317 
_atom_sites.fract_transf_vector[1]      0.151885 
_atom_sites.fract_transf_vector[2]      0.228031 
_atom_sites.fract_transf_vector[3]      0.023410 
# 
loop_
_atom_type.symbol 
C 
N 
O 
P 
# 
loop_
_atom_site.group_PDB 
_atom_site.id 
_atom_site.type_symbol 
_atom_site.label_atom_id 
_atom_site.label_alt_id 
_atom_site.label_comp_id 
_atom_site.label_asym_id 
_atom_site.label_entity_id 
_atom_site.label_seq_id 
_atom_site.pdbx_PDB_ins_code 
_atom_site.Cartn_x 
_atom_site.Cartn_y 
_atom_site.Cartn_z 
_atom_site.occupancy 
_atom_site.B_iso_or_equiv 
_atom_site.pdbx_formal_charge 
_atom_site.auth_seq_id 
_atom_site.auth_comp_id 
_atom_site.auth_asym_id 
_atom_site.auth_atom_id 
_atom_site.pdbx_PDB_model_num 
ATOM   1   O "O5'" . DG  A 1 1 ? 1.753   13.019  2.706   1.00 35.19 ? 1  DG  A "O5'" 1 
ATOM   2   C "C5'" . DG  A 1 1 ? 0.958   14.079  2.285   1.00 34.50 ? 1  DG  A "C5'" 1 
ATOM   3   C "C4'" . DG  A 1 1 ? 1.475   14.588  0.985   1.00 32.14 ? 1  DG  A "C4'" 1 
ATOM   4   O "O4'" . DG  A 1 1 ? 2.780   15.136  1.217   1.00 33.41 ? 1  DG  A "O4'" 1 
ATOM   5   C "C3'" . DG  A 1 1 ? 1.661   13.565  -0.102  1.00 33.70 ? 1  DG  A "C3'" 1 
ATOM   6   O "O3'" . DG  A 1 1 ? 0.519   13.474  -0.875  1.00 35.68 ? 1  DG  A "O3'" 1 
ATOM   7   C "C2'" . DG  A 1 1 ? 2.688   14.238  -0.953  1.00 31.29 ? 1  DG  A "C2'" 1 
ATOM   8   C "C1'" . DG  A 1 1 ? 3.594   14.767  0.122   1.00 32.25 ? 1  DG  A "C1'" 1 
ATOM   9   N N9    . DG  A 1 1 ? 4.699   13.945  0.630   1.00 31.03 ? 1  DG  A N9    1 
ATOM   10  C C8    . DG  A 1 1 ? 4.974   13.692  1.932   1.00 30.65 ? 1  DG  A C8    1 
ATOM   11  N N7    . DG  A 1 1 ? 6.056   12.993  2.112   1.00 31.35 ? 1  DG  A N7    1 
ATOM   12  C C5    . DG  A 1 1 ? 6.539   12.833  0.825   1.00 31.81 ? 1  DG  A C5    1 
ATOM   13  C C6    . DG  A 1 1 ? 7.717   12.165  0.410   1.00 29.97 ? 1  DG  A C6    1 
ATOM   14  O O6    . DG  A 1 1 ? 8.558   11.574  1.156   1.00 34.28 ? 1  DG  A O6    1 
ATOM   15  N N1    . DG  A 1 1 ? 7.811   12.250  -0.968  1.00 28.93 ? 1  DG  A N1    1 
ATOM   16  C C2    . DG  A 1 1 ? 6.925   12.869  -1.809  1.00 28.44 ? 1  DG  A C2    1 
ATOM   17  N N2    . DG  A 1 1 ? 7.226   12.846  -3.121  1.00 31.83 ? 1  DG  A N2    1 
ATOM   18  N N3    . DG  A 1 1 ? 5.821   13.501  -1.419  1.00 28.61 ? 1  DG  A N3    1 
ATOM   19  C C4    . DG  A 1 1 ? 5.721   13.454  -0.102  1.00 28.22 ? 1  DG  A C4    1 
ATOM   20  P P     . DC  A 1 2 ? -0.130  12.098  -1.365  1.00 38.61 ? 2  DC  A P     1 
ATOM   21  O OP1   . DC  A 1 2 ? -1.411  12.313  -2.068  1.00 38.86 ? 2  DC  A OP1   1 
ATOM   22  O OP2   . DC  A 1 2 ? 0.022   11.112  -0.264  1.00 37.77 ? 2  DC  A OP2   1 
ATOM   23  O "O5'" . DC  A 1 2 ? 0.922   11.765  -2.493  1.00 37.12 ? 2  DC  A "O5'" 1 
ATOM   24  C "C5'" . DC  A 1 2 ? 0.941   12.482  -3.725  1.00 38.57 ? 2  DC  A "C5'" 1 
ATOM   25  C "C4'" . DC  A 1 2 ? 2.028   12.021  -4.649  1.00 38.30 ? 2  DC  A "C4'" 1 
ATOM   26  O "O4'" . DC  A 1 2 ? 3.320   12.305  -4.091  1.00 36.82 ? 2  DC  A "O4'" 1 
ATOM   27  C "C3'" . DC  A 1 2 ? 2.054   10.515  -4.804  1.00 38.80 ? 2  DC  A "C3'" 1 
ATOM   28  O "O3'" . DC  A 1 2 ? 1.088   10.028  -5.688  1.00 42.14 ? 2  DC  A "O3'" 1 
ATOM   29  C "C2'" . DC  A 1 2 ? 3.450   10.320  -5.355  1.00 38.59 ? 2  DC  A "C2'" 1 
ATOM   30  C "C1'" . DC  A 1 2 ? 4.191   11.219  -4.409  1.00 34.68 ? 2  DC  A "C1'" 1 
ATOM   31  N N1    . DC  A 1 2 ? 4.685   10.621  -3.153  1.00 33.17 ? 2  DC  A N1    1 
ATOM   32  C C2    . DC  A 1 2 ? 5.864   9.913   -3.234  1.00 28.94 ? 2  DC  A C2    1 
ATOM   33  O O2    . DC  A 1 2 ? 6.380   9.872   -4.347  1.00 34.47 ? 2  DC  A O2    1 
ATOM   34  N N3    . DC  A 1 2 ? 6.393   9.431   -2.096  1.00 29.89 ? 2  DC  A N3    1 
ATOM   35  C C4    . DC  A 1 2 ? 5.730   9.560   -0.938  1.00 27.51 ? 2  DC  A C4    1 
ATOM   36  N N4    . DC  A 1 2 ? 6.203   9.060   0.193   1.00 28.19 ? 2  DC  A N4    1 
ATOM   37  C C5    . DC  A 1 2 ? 4.519   10.243  -0.837  1.00 31.38 ? 2  DC  A C5    1 
ATOM   38  C C6    . DC  A 1 2 ? 4.025   10.751  -1.960  1.00 29.22 ? 2  DC  A C6    1 
ATOM   39  P P     . DG  A 1 3 ? 0.624   8.490   -5.625  1.00 43.40 ? 3  DG  A P     1 
ATOM   40  O OP1   . DG  A 1 3 ? -0.369  8.312   -6.722  1.00 43.77 ? 3  DG  A OP1   1 
ATOM   41  O OP2   . DG  A 1 3 ? 0.259   8.045   -4.274  1.00 38.66 ? 3  DG  A OP2   1 
ATOM   42  O "O5'" . DG  A 1 3 ? 1.969   7.725   -5.968  1.00 39.60 ? 3  DG  A "O5'" 1 
ATOM   43  C "C5'" . DG  A 1 3 ? 2.276   7.492   -7.261  1.00 37.30 ? 3  DG  A "C5'" 1 
ATOM   44  C "C4'" . DG  A 1 3 ? 3.606   6.816   -7.432  1.00 35.58 ? 3  DG  A "C4'" 1 
ATOM   45  O "O4'" . DG  A 1 3 ? 4.611   7.368   -6.567  1.00 34.44 ? 3  DG  A "O4'" 1 
ATOM   46  C "C3'" . DG  A 1 3 ? 3.548   5.376   -7.034  1.00 35.04 ? 3  DG  A "C3'" 1 
ATOM   47  O "O3'" . DG  A 1 3 ? 3.006   4.677   -8.086  1.00 35.65 ? 3  DG  A "O3'" 1 
ATOM   48  C "C2'" . DG  A 1 3 ? 5.026   5.065   -6.850  1.00 34.49 ? 3  DG  A "C2'" 1 
ATOM   49  C "C1'" . DG  A 1 3 ? 5.468   6.333   -6.129  1.00 34.95 ? 3  DG  A "C1'" 1 
ATOM   50  N N9    . DG  A 1 3 ? 5.420   6.276   -4.647  1.00 30.09 ? 3  DG  A N9    1 
ATOM   51  C C8    . DG  A 1 3 ? 4.437   6.777   -3.826  1.00 28.06 ? 3  DG  A C8    1 
ATOM   52  N N7    . DG  A 1 3 ? 4.702   6.556   -2.581  1.00 27.25 ? 3  DG  A N7    1 
ATOM   53  C C5    . DG  A 1 3 ? 5.933   5.832   -2.598  1.00 26.28 ? 3  DG  A C5    1 
ATOM   54  C C6    . DG  A 1 3 ? 6.748   5.288   -1.597  1.00 25.73 ? 3  DG  A C6    1 
ATOM   55  O O6    . DG  A 1 3 ? 6.579   5.319   -0.388  1.00 28.20 ? 3  DG  A O6    1 
ATOM   56  N N1    . DG  A 1 3 ? 7.869   4.606   -2.056  1.00 26.50 ? 3  DG  A N1    1 
ATOM   57  C C2    . DG  A 1 3 ? 8.178   4.474   -3.352  1.00 25.69 ? 3  DG  A C2    1 
ATOM   58  N N2    . DG  A 1 3 ? 9.314   3.787   -3.700  1.00 28.70 ? 3  DG  A N2    1 
ATOM   59  N N3    . DG  A 1 3 ? 7.448   4.966   -4.301  1.00 29.42 ? 3  DG  A N3    1 
ATOM   60  C C4    . DG  A 1 3 ? 6.348   5.639   -3.865  1.00 28.75 ? 3  DG  A C4    1 
HETATM 61  P P     . US4 A 1 4 ? 2.381   3.273   -7.866  1.00 36.50 ? 4  US4 A P     1 
HETATM 62  O O1P   . US4 A 1 4 ? 1.365   3.254   -6.805  1.00 33.72 ? 4  US4 A O1P   1 
HETATM 63  O O2P   . US4 A 1 4 ? 1.744   2.896   -9.170  1.00 38.61 ? 4  US4 A O2P   1 
HETATM 64  O "O5'" . US4 A 1 4 ? 3.473   2.188   -7.555  1.00 37.51 ? 4  US4 A "O5'" 1 
HETATM 65  C "C5'" . US4 A 1 4 ? 4.524   1.863   -8.468  1.00 36.98 ? 4  US4 A "C5'" 1 
HETATM 66  C "C4'" . US4 A 1 4 ? 5.634   1.066   -7.800  1.00 35.73 ? 4  US4 A "C4'" 1 
HETATM 67  C "C3'" . US4 A 1 4 ? 5.131   -0.100  -7.010  1.00 34.40 ? 4  US4 A "C3'" 1 
HETATM 68  C "C2'" . US4 A 1 4 ? 6.268   -0.267  -6.043  1.00 32.70 ? 4  US4 A "C2'" 1 
HETATM 69  C "C1'" . US4 A 1 4 ? 6.689   1.188   -5.758  1.00 31.77 ? 4  US4 A "C1'" 1 
HETATM 70  O "O4'" . US4 A 1 4 ? 6.176   1.930   -6.844  1.00 33.77 ? 4  US4 A "O4'" 1 
HETATM 71  N N1    . US4 A 1 4 ? 6.009   1.660   -4.541  1.00 29.61 ? 4  US4 A N1    1 
HETATM 72  C C2    . US4 A 1 4 ? 6.572   1.390   -3.365  1.00 28.50 ? 4  US4 A C2    1 
HETATM 73  N N3    . US4 A 1 4 ? 6.024   1.790   -2.199  1.00 27.83 ? 4  US4 A N3    1 
HETATM 74  C C4    . US4 A 1 4 ? 4.879   2.476   -2.164  1.00 25.98 ? 4  US4 A C4    1 
HETATM 75  O O4    . US4 A 1 4 ? 4.394   2.838   -0.940  1.00 28.99 ? 4  US4 A O4    1 
HETATM 76  C C5    . US4 A 1 4 ? 4.265   2.780   -3.358  1.00 26.60 ? 4  US4 A C5    1 
HETATM 77  C C5M   . US4 A 1 4 ? 2.963   3.511   -3.384  1.00 26.66 ? 4  US4 A C5M   1 
HETATM 78  C C6    . US4 A 1 4 ? 4.860   2.342   -4.536  1.00 29.49 ? 4  US4 A C6    1 
HETATM 79  O O2    . US4 A 1 4 ? 7.605   0.766   -3.368  1.00 29.23 ? 4  US4 A O2    1 
HETATM 80  O "O3'" . US4 A 1 4 ? 4.829   -1.239  -7.844  1.00 37.32 ? 4  US4 A "O3'" 1 
HETATM 81  C "C7'" . US4 A 1 4 ? 3.857   -2.148  -7.296  1.00 32.43 ? 4  US4 A "C7'" 1 
HETATM 82  O "O8'" . US4 A 1 4 ? 4.482   -2.824  -6.208  1.00 34.55 ? 4  US4 A "O8'" 1 
HETATM 83  C "C9'" . US4 A 1 4 ? 5.402   -3.874  -6.504  1.00 32.96 ? 4  US4 A "C9'" 1 
HETATM 84  C "CU'" . US4 A 1 4 ? 6.062   -4.361  -5.251  1.00 29.78 ? 4  US4 A "CU'" 1 
HETATM 85  C "CY'" . US4 A 1 4 ? 5.112   -5.003  -4.284  1.00 31.30 ? 4  US4 A "CY'" 1 
HETATM 86  O "OZ'" . US4 A 1 4 ? 4.793   -6.317  -4.769  1.00 35.64 ? 4  US4 A "OZ'" 1 
HETATM 87  C "CX'" . US4 A 1 4 ? 5.934   -5.016  -3.033  1.00 32.51 ? 4  US4 A "CX'" 1 
HETATM 88  C "CW'" . US4 A 1 4 ? 6.566   -3.617  -3.173  1.00 33.31 ? 4  US4 A "CW'" 1 
HETATM 89  O "OV'" . US4 A 1 4 ? 6.606   -3.258  -4.559  1.00 30.39 ? 4  US4 A "OV'" 1 
HETATM 90  N N19   . US4 A 1 4 ? 5.695   -2.577  -2.506  1.00 29.94 ? 4  US4 A N19   1 
HETATM 91  C C14   . US4 A 1 4 ? 5.767   -2.308  -1.218  1.00 29.12 ? 4  US4 A C14   1 
HETATM 92  N N13   . US4 A 1 4 ? 6.531   -2.842  -0.249  1.00 28.63 ? 4  US4 A N13   1 
HETATM 93  C C12   . US4 A 1 4 ? 6.369   -2.380  0.992   1.00 29.22 ? 4  US4 A C12   1 
HETATM 94  N N11   . US4 A 1 4 ? 5.502   -1.418  1.297   1.00 28.72 ? 4  US4 A N11   1 
HETATM 95  C C16   . US4 A 1 4 ? 4.730   -0.858  0.344   1.00 29.00 ? 4  US4 A C16   1 
HETATM 96  N N16   . US4 A 1 4 ? 3.838   0.121   0.667   1.00 26.45 ? 4  US4 A N16   1 
HETATM 97  C C15   . US4 A 1 4 ? 4.836   -1.332  -0.964  1.00 27.77 ? 4  US4 A C15   1 
HETATM 98  N N17   . US4 A 1 4 ? 4.262   -1.031  -2.140  1.00 25.81 ? 4  US4 A N17   1 
HETATM 99  C C18   . US4 A 1 4 ? 4.817   -1.808  -3.082  1.00 27.39 ? 4  US4 A C18   1 
HETATM 100 N N1    . OMU A 1 5 ? 3.578   -5.487  0.594   1.00 31.04 ? 6  OMU A N1    1 
HETATM 101 C C2    . OMU A 1 5 ? 3.366   -4.818  1.760   1.00 30.66 ? 6  OMU A C2    1 
HETATM 102 N N3    . OMU A 1 5 ? 2.674   -3.654  1.624   1.00 28.53 ? 6  OMU A N3    1 
HETATM 103 C C4    . OMU A 1 5 ? 2.177   -3.142  0.451   1.00 29.98 ? 6  OMU A C4    1 
HETATM 104 C C5    . OMU A 1 5 ? 2.410   -3.896  -0.752  1.00 28.53 ? 6  OMU A C5    1 
HETATM 105 C C6    . OMU A 1 5 ? 3.105   -5.031  -0.635  1.00 30.65 ? 6  OMU A C6    1 
HETATM 106 O O2    . OMU A 1 5 ? 3.773   -5.237  2.838   1.00 32.50 ? 6  OMU A O2    1 
HETATM 107 O O4    . OMU A 1 5 ? 1.570   -2.097  0.510   1.00 30.31 ? 6  OMU A O4    1 
HETATM 108 C "C1'" . OMU A 1 5 ? 4.326   -6.796  0.677   1.00 36.70 ? 6  OMU A "C1'" 1 
HETATM 109 C "C2'" . OMU A 1 5 ? 3.396   -7.985  1.043   1.00 37.47 ? 6  OMU A "C2'" 1 
HETATM 110 O "O2'" . OMU A 1 5 ? 4.032   -9.051  1.690   1.00 39.63 ? 6  OMU A "O2'" 1 
HETATM 111 C CM2   . OMU A 1 5 ? 4.695   -8.775  2.919   1.00 38.28 ? 6  OMU A CM2   1 
HETATM 112 C "C3'" . OMU A 1 5 ? 3.003   -8.411  -0.338  1.00 39.30 ? 6  OMU A "C3'" 1 
HETATM 113 C "C4'" . OMU A 1 5 ? 4.340   -8.371  -1.002  1.00 38.07 ? 6  OMU A "C4'" 1 
HETATM 114 O "O3'" . OMU A 1 5 ? 2.547   -9.755  -0.363  1.00 44.61 ? 6  OMU A "O3'" 1 
HETATM 115 O "O4'" . OMU A 1 5 ? 4.824   -7.082  -0.618  1.00 38.89 ? 6  OMU A "O4'" 1 
HETATM 116 C "C5'" . OMU A 1 5 ? 4.266   -8.422  -2.477  1.00 37.49 ? 6  OMU A "C5'" 1 
HETATM 117 O "O5'" . OMU A 1 5 ? 3.517   -7.407  -2.890  1.00 36.90 ? 6  OMU A "O5'" 1 
HETATM 118 P P     . OMU A 1 5 ? 3.441   -6.992  -4.394  1.00 36.93 ? 6  OMU A P     1 
HETATM 119 O OP1   . OMU A 1 5 ? 3.404   -8.196  -5.198  1.00 42.19 ? 6  OMU A OP1   1 
HETATM 120 O OP2   . OMU A 1 5 ? 2.304   -6.094  -4.727  1.00 35.44 ? 6  OMU A OP2   1 
ATOM   121 P P     . DA  A 1 6 ? 0.991   -10.042 -0.574  1.00 42.25 ? 7  DA  A P     1 
ATOM   122 O OP1   . DA  A 1 6 ? 0.912   -11.510 -0.843  1.00 43.85 ? 7  DA  A OP1   1 
ATOM   123 O OP2   . DA  A 1 6 ? 0.270   -9.167  -1.490  1.00 39.34 ? 7  DA  A OP2   1 
ATOM   124 O "O5'" . DA  A 1 6 ? 0.357   -9.727  0.856   1.00 40.30 ? 7  DA  A "O5'" 1 
ATOM   125 C "C5'" . DA  A 1 6 ? 0.870   -10.434 1.975   1.00 42.03 ? 7  DA  A "C5'" 1 
ATOM   126 C "C4'" . DA  A 1 6 ? 0.534   -9.771  3.286   1.00 40.97 ? 7  DA  A "C4'" 1 
ATOM   127 O "O4'" . DA  A 1 6 ? 1.209   -8.471  3.425   1.00 42.04 ? 7  DA  A "O4'" 1 
ATOM   128 C "C3'" . DA  A 1 6 ? -0.957  -9.503  3.456   1.00 40.20 ? 7  DA  A "C3'" 1 
ATOM   129 O "O3'" . DA  A 1 6 ? -1.671  -10.682 3.892   1.00 41.31 ? 7  DA  A "O3'" 1 
ATOM   130 C "C2'" . DA  A 1 6 ? -0.909  -8.445  4.535   1.00 40.28 ? 7  DA  A "C2'" 1 
ATOM   131 C "C1'" . DA  A 1 6 ? 0.289   -7.599  4.089   1.00 37.90 ? 7  DA  A "C1'" 1 
ATOM   132 N N9    . DA  A 1 6 ? -0.040  -6.472  3.227   1.00 34.41 ? 7  DA  A N9    1 
ATOM   133 C C8    . DA  A 1 6 ? -0.041  -6.407  1.880   1.00 30.20 ? 7  DA  A C8    1 
ATOM   134 N N7    . DA  A 1 6 ? -0.368  -5.215  1.447   1.00 31.34 ? 7  DA  A N7    1 
ATOM   135 C C5    . DA  A 1 6 ? -0.630  -4.489  2.607   1.00 29.27 ? 7  DA  A C5    1 
ATOM   136 C C6    . DA  A 1 6 ? -1.009  -3.155  2.855   1.00 28.07 ? 7  DA  A C6    1 
ATOM   137 N N6    . DA  A 1 6 ? -1.232  -2.233  1.914   1.00 30.78 ? 7  DA  A N6    1 
ATOM   138 N N1    . DA  A 1 6 ? -1.156  -2.808  4.134   1.00 27.41 ? 7  DA  A N1    1 
ATOM   139 C C2    . DA  A 1 6 ? -0.973  -3.687  5.073   1.00 27.26 ? 7  DA  A C2    1 
ATOM   140 N N3    . DA  A 1 6 ? -0.540  -4.948  4.971   1.00 32.02 ? 7  DA  A N3    1 
ATOM   141 C C4    . DA  A 1 6 ? -0.408  -5.258  3.686   1.00 29.74 ? 7  DA  A C4    1 
ATOM   142 P P     . DC  A 1 7 ? -3.173  -10.845 3.518   1.00 40.27 ? 8  DC  A P     1 
ATOM   143 O OP1   . DC  A 1 7 ? -3.544  -12.261 3.813   1.00 42.77 ? 8  DC  A OP1   1 
ATOM   144 O OP2   . DC  A 1 7 ? -3.445  -10.275 2.219   1.00 39.51 ? 8  DC  A OP2   1 
ATOM   145 O "O5'" . DC  A 1 7 ? -3.930  -9.936  4.552   1.00 37.47 ? 8  DC  A "O5'" 1 
ATOM   146 C "C5'" . DC  A 1 7 ? -3.805  -10.218 5.910   1.00 33.82 ? 8  DC  A "C5'" 1 
ATOM   147 C "C4'" . DC  A 1 7 ? -4.358  -9.094  6.719   1.00 35.66 ? 8  DC  A "C4'" 1 
ATOM   148 O "O4'" . DC  A 1 7 ? -3.461  -7.954  6.591   1.00 35.56 ? 8  DC  A "O4'" 1 
ATOM   149 C "C3'" . DC  A 1 7 ? -5.702  -8.524  6.395   1.00 37.77 ? 8  DC  A "C3'" 1 
ATOM   150 O "O3'" . DC  A 1 7 ? -6.761  -9.291  7.046   1.00 43.07 ? 8  DC  A "O3'" 1 
ATOM   151 C "C2'" . DC  A 1 7 ? -5.599  -7.154  7.030   1.00 33.95 ? 8  DC  A "C2'" 1 
ATOM   152 C "C1'" . DC  A 1 7 ? -4.174  -6.745  6.686   1.00 33.79 ? 8  DC  A "C1'" 1 
ATOM   153 N N1    . DC  A 1 7 ? -4.132  -6.055  5.352   1.00 32.18 ? 8  DC  A N1    1 
ATOM   154 C C2    . DC  A 1 7 ? -4.388  -4.690  5.296   1.00 30.99 ? 8  DC  A C2    1 
ATOM   155 O O2    . DC  A 1 7 ? -4.612  -4.064  6.326   1.00 31.74 ? 8  DC  A O2    1 
ATOM   156 N N3    . DC  A 1 7 ? -4.355  -4.056  4.106   1.00 30.50 ? 8  DC  A N3    1 
ATOM   157 C C4    . DC  A 1 7 ? -4.134  -4.733  2.999   1.00 29.88 ? 8  DC  A C4    1 
ATOM   158 N N4    . DC  A 1 7 ? -4.158  -4.014  1.880   1.00 29.96 ? 8  DC  A N4    1 
ATOM   159 C C5    . DC  A 1 7 ? -3.912  -6.147  3.001   1.00 29.11 ? 8  DC  A C5    1 
ATOM   160 C C6    . DC  A 1 7 ? -3.915  -6.749  4.203   1.00 31.77 ? 8  DC  A C6    1 
ATOM   161 P P     . DG  A 1 8 ? -8.226  -9.154  6.448   1.00 41.94 ? 9  DG  A P     1 
ATOM   162 O OP1   . DG  A 1 8 ? -8.859  -10.263 7.197   1.00 44.77 ? 9  DG  A OP1   1 
ATOM   163 O OP2   . DG  A 1 8 ? -8.189  -9.273  4.963   1.00 42.43 ? 9  DG  A OP2   1 
ATOM   164 O "O5'" . DG  A 1 8 ? -8.866  -7.763  6.898   1.00 35.44 ? 9  DG  A "O5'" 1 
ATOM   165 C "C5'" . DG  A 1 8 ? -8.892  -7.380  8.228   1.00 32.58 ? 9  DG  A "C5'" 1 
ATOM   166 C "C4'" . DG  A 1 8 ? -9.357  -5.997  8.268   1.00 33.20 ? 9  DG  A "C4'" 1 
ATOM   167 O "O4'" . DG  A 1 8 ? -8.353  -5.364  7.529   1.00 37.94 ? 9  DG  A "O4'" 1 
ATOM   168 C "C3'" . DG  A 1 8 ? -10.511 -5.811  7.317   1.00 39.02 ? 9  DG  A "C3'" 1 
ATOM   169 O "O3'" . DG  A 1 8 ? -11.615 -6.141  8.024   1.00 42.29 ? 9  DG  A "O3'" 1 
ATOM   170 C "C2'" . DG  A 1 8 ? -10.466 -4.314  7.126   1.00 38.97 ? 9  DG  A "C2'" 1 
ATOM   171 C "C1'" . DG  A 1 8 ? -8.994  -4.245  6.875   1.00 36.09 ? 9  DG  A "C1'" 1 
ATOM   172 N N9    . DG  A 1 8 ? -8.541  -4.219  5.456   1.00 33.71 ? 9  DG  A N9    1 
ATOM   173 C C8    . DG  A 1 8 ? -7.956  -5.226  4.766   1.00 30.44 ? 9  DG  A C8    1 
ATOM   174 N N7    . DG  A 1 8 ? -7.582  -4.844  3.590   1.00 29.99 ? 9  DG  A N7    1 
ATOM   175 C C5    . DG  A 1 8 ? -7.952  -3.520  3.528   1.00 28.34 ? 9  DG  A C5    1 
ATOM   176 C C6    . DG  A 1 8 ? -7.832  -2.563  2.489   1.00 27.16 ? 9  DG  A C6    1 
ATOM   177 O O6    . DG  A 1 8 ? -7.353  -2.681  1.400   1.00 28.75 ? 9  DG  A O6    1 
ATOM   178 N N1    . DG  A 1 8 ? -8.309  -1.330  2.843   1.00 26.81 ? 9  DG  A N1    1 
ATOM   179 C C2    . DG  A 1 8 ? -8.882  -1.028  4.062   1.00 28.88 ? 9  DG  A C2    1 
ATOM   180 N N2    . DG  A 1 8 ? -9.269  0.231   4.194   1.00 29.02 ? 9  DG  A N2    1 
ATOM   181 N N3    . DG  A 1 8 ? -9.010  -1.891  5.073   1.00 29.68 ? 9  DG  A N3    1 
ATOM   182 C C4    . DG  A 1 8 ? -8.529  -3.112  4.702   1.00 27.27 ? 9  DG  A C4    1 
ATOM   183 P P     . DC  A 1 9 ? -13.097 -5.996  7.420   1.00 49.98 ? 10 DC  A P     1 
ATOM   184 O OP1   . DC  A 1 9 ? -13.911 -6.097  8.665   1.00 49.64 ? 10 DC  A OP1   1 
ATOM   185 O OP2   . DC  A 1 9 ? -13.108 -6.925  6.233   1.00 48.24 ? 10 DC  A OP2   1 
ATOM   186 O "O5'" . DC  A 1 9 ? -13.405 -4.496  6.923   1.00 45.27 ? 10 DC  A "O5'" 1 
ATOM   187 C "C5'" . DC  A 1 9 ? -13.586 -3.268  7.727   1.00 45.87 ? 10 DC  A "C5'" 1 
ATOM   188 C "C4'" . DC  A 1 9 ? -13.830 -2.149  6.692   1.00 45.40 ? 10 DC  A "C4'" 1 
ATOM   189 O "O4'" . DC  A 1 9 ? -12.608 -1.955  5.944   1.00 42.04 ? 10 DC  A "O4'" 1 
ATOM   190 C "C3'" . DC  A 1 9 ? -14.837 -2.414  5.545   1.00 45.34 ? 10 DC  A "C3'" 1 
ATOM   191 O "O3'" . DC  A 1 9 ? -16.204 -2.208  5.915   1.00 47.88 ? 10 DC  A "O3'" 1 
ATOM   192 C "C2'" . DC  A 1 9 ? -14.429 -1.412  4.482   1.00 41.15 ? 10 DC  A "C2'" 1 
ATOM   193 C "C1'" . DC  A 1 9 ? -12.908 -1.468  4.616   1.00 40.22 ? 10 DC  A "C1'" 1 
ATOM   194 N N1    . DC  A 1 9 ? -12.238 -2.240  3.503   1.00 32.76 ? 10 DC  A N1    1 
ATOM   195 C C2    . DC  A 1 9 ? -11.938 -1.483  2.328   1.00 30.84 ? 10 DC  A C2    1 
ATOM   196 O O2    . DC  A 1 9 ? -12.234 -0.307  2.369   1.00 31.58 ? 10 DC  A O2    1 
ATOM   197 N N3    . DC  A 1 9 ? -11.306 -2.079  1.325   1.00 31.40 ? 10 DC  A N3    1 
ATOM   198 C C4    . DC  A 1 9 ? -11.083 -3.397  1.428   1.00 29.54 ? 10 DC  A C4    1 
ATOM   199 N N4    . DC  A 1 9 ? -10.484 -4.100  0.516   1.00 31.16 ? 10 DC  A N4    1 
ATOM   200 C C5    . DC  A 1 9 ? -11.385 -4.162  2.576   1.00 32.21 ? 10 DC  A C5    1 
ATOM   201 C C6    . DC  A 1 9 ? -12.001 -3.543  3.559   1.00 31.99 ? 10 DC  A C6    1 
HETATM 202 O O     . HOH B 2 . ? 4.114   -12.128 0.953   1.00 59.23 ? 5  HOH A O     1 
HETATM 203 O O     . HOH B 2 . ? 6.424   10.395  -7.269  1.00 45.34 ? 11 HOH A O     1 
HETATM 204 O O     . HOH B 2 . ? 2.921   7.009   -0.560  1.00 34.47 ? 12 HOH A O     1 
HETATM 205 O O     . HOH B 2 . ? 1.393   -0.465  -9.827  1.00 49.76 ? 13 HOH A O     1 
HETATM 206 O O     . HOH B 2 . ? 3.254   -5.467  -9.472  1.00 44.69 ? 15 HOH A O     1 
HETATM 207 O O     . HOH B 2 . ? -1.125  -6.126  7.777   1.00 45.91 ? 16 HOH A O     1 
HETATM 208 O O     . HOH B 2 . ? -2.456  -12.649 -0.793  1.00 55.65 ? 17 HOH A O     1 
HETATM 209 O O     . HOH B 2 . ? -6.933  -6.647  1.431   1.00 36.83 ? 18 HOH A O     1 
HETATM 210 O O     . HOH B 2 . ? -5.650  -13.927 6.988   1.00 52.40 ? 20 HOH A O     1 
HETATM 211 O O     . HOH B 2 . ? -1.042  -4.709  -1.003  1.00 39.37 ? 21 HOH A O     1 
HETATM 212 O O     . HOH B 2 . ? 0.739   16.761  4.613   0.50 25.36 ? 22 HOH A O     1 
HETATM 213 O O     . HOH B 2 . ? 9.264   4.849   -6.900  1.00 42.32 ? 23 HOH A O     1 
HETATM 214 O O     . HOH B 2 . ? 3.523   4.310   -11.933 1.00 58.22 ? 24 HOH A O     1 
HETATM 215 O O     . HOH B 2 . ? 9.181   -1.650  -2.542  1.00 32.80 ? 25 HOH A O     1 
HETATM 216 O O     . HOH B 2 . ? 3.916   16.733  4.130   0.50 25.76 ? 26 HOH A O     1 
HETATM 217 O O     . HOH B 2 . ? 6.429   14.200  -5.362  1.00 40.32 ? 27 HOH A O     1 
HETATM 218 O O     . HOH B 2 . ? -0.055  4.984   -2.375  1.00 48.86 ? 28 HOH A O     1 
HETATM 219 O O     . HOH B 2 . ? 1.839   0.337   -2.420  1.00 23.82 ? 29 HOH A O     1 
HETATM 220 O O     . HOH B 2 . ? -3.929  -5.503  -0.769  1.00 51.45 ? 30 HOH A O     1 
HETATM 221 O O     . HOH B 2 . ? -10.271 -7.929  3.200   1.00 42.43 ? 31 HOH A O     1 
HETATM 222 O O     . HOH B 2 . ? -15.278 1.462   3.395   1.00 56.05 ? 32 HOH A O     1 
HETATM 223 O O     . HOH B 2 . ? -2.929  8.368   -2.926  0.50 38.59 ? 33 HOH A O     1 
HETATM 224 O O     . HOH B 2 . ? 2.421   4.317   0.231   1.00 43.81 ? 34 HOH A O     1 
# 
loop_
_atom_site_anisotrop.id 
_atom_site_anisotrop.type_symbol 
_atom_site_anisotrop.pdbx_label_atom_id 
_atom_site_anisotrop.pdbx_label_alt_id 
_atom_site_anisotrop.pdbx_label_comp_id 
_atom_site_anisotrop.pdbx_label_asym_id 
_atom_site_anisotrop.pdbx_label_seq_id 
_atom_site_anisotrop.pdbx_PDB_ins_code 
_atom_site_anisotrop.U[1][1] 
_atom_site_anisotrop.U[2][2] 
_atom_site_anisotrop.U[3][3] 
_atom_site_anisotrop.U[1][2] 
_atom_site_anisotrop.U[1][3] 
_atom_site_anisotrop.U[2][3] 
_atom_site_anisotrop.pdbx_auth_seq_id 
_atom_site_anisotrop.pdbx_auth_comp_id 
_atom_site_anisotrop.pdbx_auth_asym_id 
_atom_site_anisotrop.pdbx_auth_atom_id 
1   O "O5'" . DG  A 1 ? 0.4250 0.4327 0.4791 0.0644  0.0328  0.0015  1  DG  A "O5'" 
2   C "C5'" . DG  A 1 ? 0.4328 0.4152 0.4626 0.0459  -0.0007 0.0241  1  DG  A "C5'" 
3   C "C4'" . DG  A 1 ? 0.3993 0.3962 0.4256 0.0307  -0.0062 0.0087  1  DG  A "C4'" 
4   O "O4'" . DG  A 1 ? 0.4365 0.4081 0.4245 0.0525  -0.0006 0.0073  1  DG  A "O4'" 
5   C "C3'" . DG  A 1 ? 0.4136 0.4109 0.4559 0.0269  0.0008  0.0006  1  DG  A "C3'" 
6   O "O3'" . DG  A 1 ? 0.4351 0.4472 0.4732 0.0305  -0.0055 0.0035  1  DG  A "O3'" 
7   C "C2'" . DG  A 1 ? 0.4244 0.3760 0.3883 0.0368  0.0003  -0.0102 1  DG  A "C2'" 
8   C "C1'" . DG  A 1 ? 0.4020 0.4029 0.4204 0.0236  -0.0047 0.0183  1  DG  A "C1'" 
9   N N9    . DG  A 1 ? 0.3959 0.3627 0.4202 0.0243  0.0162  0.0084  1  DG  A N9    
10  C C8    . DG  A 1 ? 0.3512 0.3830 0.4301 0.0237  0.0091  0.0194  1  DG  A C8    
11  N N7    . DG  A 1 ? 0.3930 0.3637 0.4343 0.0106  0.0196  0.0170  1  DG  A N7    
12  C C5    . DG  A 1 ? 0.4089 0.3763 0.4232 0.0071  -0.0024 0.0021  1  DG  A C5    
13  C C6    . DG  A 1 ? 0.3727 0.3661 0.3997 -0.0098 0.0179  0.0000  1  DG  A C6    
14  O O6    . DG  A 1 ? 0.4251 0.4016 0.4758 0.0229  0.0334  -0.0004 1  DG  A O6    
15  N N1    . DG  A 1 ? 0.3804 0.3173 0.4014 -0.0437 -0.0020 -0.0270 1  DG  A N1    
16  C C2    . DG  A 1 ? 0.3617 0.3195 0.3993 -0.0157 0.0119  0.0062  1  DG  A C2    
17  N N2    . DG  A 1 ? 0.4519 0.3380 0.4193 -0.0554 -0.0142 -0.0481 1  DG  A N2    
18  N N3    . DG  A 1 ? 0.3536 0.3299 0.4032 -0.0069 0.0200  0.0038  1  DG  A N3    
19  C C4    . DG  A 1 ? 0.3562 0.3185 0.3975 0.0052  -0.0060 0.0029  1  DG  A C4    
20  P P     . DC  A 2 ? 0.4871 0.4540 0.5258 0.0271  -0.0118 -0.0162 2  DC  A P     
21  O OP1   . DC  A 2 ? 0.5218 0.4278 0.5266 0.0210  -0.0200 -0.0676 2  DC  A OP1   
22  O OP2   . DC  A 2 ? 0.4749 0.4419 0.5183 -0.0214 0.0033  -0.0082 2  DC  A OP2   
23  O "O5'" . DC  A 2 ? 0.4988 0.4239 0.4876 0.0277  0.0018  -0.0030 2  DC  A "O5'" 
24  C "C5'" . DC  A 2 ? 0.5032 0.4623 0.4997 0.0246  0.0088  0.0040  2  DC  A "C5'" 
25  C "C4'" . DC  A 2 ? 0.4935 0.4600 0.5017 0.0235  0.0003  -0.0189 2  DC  A "C4'" 
26  O "O4'" . DC  A 2 ? 0.4997 0.4092 0.4899 0.0422  0.0075  -0.0232 2  DC  A "O4'" 
27  C "C3'" . DC  A 2 ? 0.4905 0.4668 0.5167 0.0257  0.0073  -0.0132 2  DC  A "C3'" 
28  O "O3'" . DC  A 2 ? 0.5223 0.5253 0.5532 0.0411  -0.0201 -0.0061 2  DC  A "O3'" 
29  C "C2'" . DC  A 2 ? 0.4893 0.4755 0.5014 0.0115  0.0032  -0.0114 2  DC  A "C2'" 
30  C "C1'" . DC  A 2 ? 0.4509 0.4275 0.4390 0.0303  0.0089  -0.0074 2  DC  A "C1'" 
31  N N1    . DC  A 2 ? 0.4271 0.3697 0.4633 0.0091  0.0141  -0.0118 2  DC  A N1    
32  C C2    . DC  A 2 ? 0.3797 0.3164 0.4034 -0.0214 0.0144  -0.0127 2  DC  A C2    
33  O O2    . DC  A 2 ? 0.4792 0.3701 0.4601 0.0059  0.0019  -0.0216 2  DC  A O2    
34  N N3    . DC  A 2 ? 0.4115 0.2934 0.4306 -0.0191 -0.0069 -0.0124 2  DC  A N3    
35  C C4    . DC  A 2 ? 0.3691 0.3209 0.3550 -0.0013 0.0077  -0.0193 2  DC  A C4    
36  N N4    . DC  A 2 ? 0.3460 0.3241 0.4007 0.0289  -0.0095 -0.0182 2  DC  A N4    
37  C C5    . DC  A 2 ? 0.4061 0.3565 0.4295 -0.0215 -0.0202 -0.0041 2  DC  A C5    
38  C C6    . DC  A 2 ? 0.4265 0.3139 0.3697 -0.0110 -0.0036 0.0086  2  DC  A C6    
39  P P     . DG  A 3 ? 0.5253 0.5459 0.5775 -0.0014 -0.0350 -0.0243 3  DG  A P     
40  O OP1   . DG  A 3 ? 0.5647 0.5442 0.5543 0.0216  -0.0386 0.0095  3  DG  A OP1   
41  O OP2   . DG  A 3 ? 0.4840 0.4751 0.5096 0.0059  -0.0316 -0.0009 3  DG  A OP2   
42  O "O5'" . DG  A 3 ? 0.5089 0.4935 0.5021 0.0326  -0.0266 0.0048  3  DG  A "O5'" 
43  C "C5'" . DG  A 3 ? 0.4843 0.4685 0.4641 0.0098  -0.0229 0.0011  3  DG  A "C5'" 
44  C "C4'" . DG  A 3 ? 0.4618 0.4591 0.4310 0.0010  -0.0189 -0.0023 3  DG  A "C4'" 
45  O "O4'" . DG  A 3 ? 0.4618 0.4394 0.4072 -0.0007 -0.0188 -0.0027 3  DG  A "O4'" 
46  C "C3'" . DG  A 3 ? 0.4632 0.4522 0.4159 -0.0012 -0.0030 -0.0021 3  DG  A "C3'" 
47  O "O3'" . DG  A 3 ? 0.4477 0.4761 0.4304 0.0034  -0.0172 0.0034  3  DG  A "O3'" 
48  C "C2'" . DG  A 3 ? 0.4453 0.4306 0.4344 -0.0039 0.0090  -0.0253 3  DG  A "C2'" 
49  C "C1'" . DG  A 3 ? 0.4721 0.4293 0.4264 0.0027  -0.0083 -0.0144 3  DG  A "C1'" 
50  N N9    . DG  A 3 ? 0.4089 0.3609 0.3735 -0.0054 -0.0119 -0.0183 3  DG  A N9    
51  C C8    . DG  A 3 ? 0.3990 0.3100 0.3570 -0.0113 -0.0124 -0.0064 3  DG  A C8    
52  N N7    . DG  A 3 ? 0.3756 0.3050 0.3547 -0.0036 -0.0091 0.0150  3  DG  A N7    
53  C C5    . DG  A 3 ? 0.3526 0.2965 0.3494 -0.0300 0.0233  0.0026  3  DG  A C5    
54  C C6    . DG  A 3 ? 0.3228 0.2931 0.3616 -0.0254 0.0031  -0.0208 3  DG  A C6    
55  O O6    . DG  A 3 ? 0.3866 0.3396 0.3448 -0.0403 -0.0037 -0.0330 3  DG  A O6    
56  N N1    . DG  A 3 ? 0.3256 0.3023 0.3790 -0.0417 0.0175  -0.0273 3  DG  A N1    
57  C C2    . DG  A 3 ? 0.3250 0.2778 0.3732 -0.0204 0.0006  -0.0034 3  DG  A C2    
58  N N2    . DG  A 3 ? 0.3521 0.3299 0.4082 -0.0383 0.0347  -0.0466 3  DG  A N2    
59  N N3    . DG  A 3 ? 0.3430 0.3663 0.4082 -0.0210 -0.0144 -0.0046 3  DG  A N3    
60  C C4    . DG  A 3 ? 0.3759 0.3285 0.3876 -0.0195 0.0119  -0.0357 3  DG  A C4    
61  P P     . US4 A 4 ? 0.4852 0.4725 0.4290 -0.0070 -0.0281 -0.0283 4  US4 A P     
62  O O1P   . US4 A 4 ? 0.4347 0.4304 0.4161 -0.0092 -0.0210 -0.0115 4  US4 A O1P   
63  O O2P   . US4 A 4 ? 0.5107 0.4886 0.4674 -0.0138 -0.0268 0.0160  4  US4 A O2P   
64  O "O5'" . US4 A 4 ? 0.5035 0.4902 0.4315 -0.0102 -0.0092 -0.0157 4  US4 A "O5'" 
65  C "C5'" . US4 A 4 ? 0.4800 0.4856 0.4396 0.0047  -0.0107 -0.0174 4  US4 A "C5'" 
66  C "C4'" . US4 A 4 ? 0.4585 0.4485 0.4504 -0.0191 -0.0036 -0.0154 4  US4 A "C4'" 
67  C "C3'" . US4 A 4 ? 0.4608 0.4251 0.4211 0.0034  0.0038  -0.0266 4  US4 A "C3'" 
68  C "C2'" . US4 A 4 ? 0.4113 0.3873 0.4439 -0.0002 0.0110  -0.0478 4  US4 A "C2'" 
69  C "C1'" . US4 A 4 ? 0.4038 0.3768 0.4264 0.0027  0.0331  -0.0016 4  US4 A "C1'" 
70  O "O4'" . US4 A 4 ? 0.4584 0.4286 0.3960 0.0084  0.0015  -0.0237 4  US4 A "O4'" 
71  N N1    . US4 A 4 ? 0.3962 0.3601 0.3687 -0.0075 -0.0119 -0.0201 4  US4 A N1    
72  C C2    . US4 A 4 ? 0.3691 0.3419 0.3718 -0.0244 0.0090  0.0024  4  US4 A C2    
73  N N3    . US4 A 4 ? 0.3724 0.2845 0.4004 -0.0632 0.0029  -0.0087 4  US4 A N3    
74  C C4    . US4 A 4 ? 0.3301 0.2931 0.3636 -0.0461 0.0109  -0.0064 4  US4 A C4    
75  O O4    . US4 A 4 ? 0.4192 0.3162 0.3661 -0.0240 0.0330  -0.0233 4  US4 A O4    
76  C C5    . US4 A 4 ? 0.3477 0.3116 0.3513 -0.0221 0.0090  0.0002  4  US4 A C5    
77  C C5M   . US4 A 4 ? 0.3558 0.3132 0.3441 -0.0001 -0.0068 0.0125  4  US4 A C5M   
78  C C6    . US4 A 4 ? 0.3937 0.3569 0.3697 -0.0146 -0.0207 0.0008  4  US4 A C6    
79  O O2    . US4 A 4 ? 0.3598 0.3417 0.4091 -0.0252 -0.0189 -0.0011 4  US4 A O2    
80  O "O3'" . US4 A 4 ? 0.4852 0.4667 0.4659 -0.0211 0.0149  -0.0456 4  US4 A "O3'" 
81  C "C7'" . US4 A 4 ? 0.4407 0.3926 0.3987 0.0075  0.0173  -0.0374 4  US4 A "C7'" 
82  O "O8'" . US4 A 4 ? 0.4837 0.4197 0.4091 -0.0086 0.0187  -0.0442 4  US4 A "O8'" 
83  C "C9'" . US4 A 4 ? 0.4120 0.4325 0.4075 0.0215  0.0284  -0.0252 4  US4 A "C9'" 
84  C "CU'" . US4 A 4 ? 0.3718 0.3702 0.3894 -0.0127 0.0203  -0.0389 4  US4 A "CU'" 
85  C "CY'" . US4 A 4 ? 0.4057 0.3649 0.4187 0.0003  0.0119  -0.0392 4  US4 A "CY'" 
86  O "OZ'" . US4 A 4 ? 0.4629 0.3932 0.4977 0.0091  0.0273  -0.0569 4  US4 A "OZ'" 
87  C "CX'" . US4 A 4 ? 0.4249 0.3810 0.4294 0.0000  0.0043  -0.0290 4  US4 A "CX'" 
88  C "CW'" . US4 A 4 ? 0.4267 0.4004 0.4385 0.0127  0.0198  -0.0193 4  US4 A "CW'" 
89  O "OV'" . US4 A 4 ? 0.3817 0.3870 0.3860 0.0119  0.0437  -0.0278 4  US4 A "OV'" 
90  N N19   . US4 A 4 ? 0.3653 0.3854 0.3868 -0.0028 0.0222  -0.0149 4  US4 A N19   
91  C C14   . US4 A 4 ? 0.3589 0.3655 0.3818 -0.0131 0.0169  -0.0179 4  US4 A C14   
92  N N13   . US4 A 4 ? 0.3665 0.3715 0.3498 -0.0354 0.0215  0.0104  4  US4 A N13   
93  C C12   . US4 A 4 ? 0.3713 0.3726 0.3662 -0.0296 0.0152  -0.0048 4  US4 A C12   
94  N N11   . US4 A 4 ? 0.3516 0.3615 0.3778 -0.0203 -0.0052 0.0177  4  US4 A N11   
95  C C16   . US4 A 4 ? 0.3509 0.3678 0.3831 -0.0178 0.0128  0.0011  4  US4 A C16   
96  N N16   . US4 A 4 ? 0.3616 0.3091 0.3343 -0.0295 0.0222  -0.0187 4  US4 A N16   
97  C C15   . US4 A 4 ? 0.3452 0.3508 0.3591 -0.0137 0.0101  -0.0039 4  US4 A C15   
98  N N17   . US4 A 4 ? 0.3407 0.2992 0.3407 -0.0121 0.0048  -0.0343 4  US4 A N17   
99  C C18   . US4 A 4 ? 0.3504 0.3340 0.3559 -0.0118 0.0157  -0.0193 4  US4 A C18   
100 N N1    . OMU A 5 ? 0.3647 0.3985 0.4162 -0.0435 0.0180  0.0160  6  OMU A N1    
101 C C2    . OMU A 5 ? 0.3550 0.3978 0.4122 -0.0289 0.0083  0.0101  6  OMU A C2    
102 N N3    . OMU A 5 ? 0.3145 0.3633 0.4060 -0.0571 0.0256  0.0217  6  OMU A N3    
103 C C4    . OMU A 5 ? 0.3637 0.3722 0.4031 -0.0238 0.0099  0.0124  6  OMU A C4    
104 C C5    . OMU A 5 ? 0.3555 0.3548 0.3734 -0.0292 0.0137  0.0209  6  OMU A C5    
105 C C6    . OMU A 5 ? 0.3611 0.3993 0.4041 -0.0265 0.0105  0.0193  6  OMU A C6    
106 O O2    . OMU A 5 ? 0.4018 0.4184 0.4145 -0.0090 0.0090  0.0170  6  OMU A O2    
107 O O4    . OMU A 5 ? 0.3955 0.3603 0.3957 -0.0100 0.0404  -0.0338 6  OMU A O4    
108 C "C1'" . OMU A 5 ? 0.4500 0.4548 0.4893 -0.0008 0.0085  0.0079  6  OMU A "C1'" 
109 C "C2'" . OMU A 5 ? 0.4610 0.4548 0.5077 -0.0053 0.0083  0.0177  6  OMU A "C2'" 
110 O "O2'" . OMU A 5 ? 0.5114 0.4722 0.5221 0.0199  0.0103  0.0035  6  OMU A "O2'" 
111 C CM2   . OMU A 5 ? 0.4916 0.4524 0.5101 -0.0177 0.0027  0.0099  6  OMU A CM2   
112 C "C3'" . OMU A 5 ? 0.4920 0.4760 0.5253 -0.0214 0.0239  -0.0126 6  OMU A "C3'" 
113 C "C4'" . OMU A 5 ? 0.4614 0.4785 0.5063 0.0045  0.0085  -0.0195 6  OMU A "C4'" 
114 O "O3'" . OMU A 5 ? 0.5896 0.5101 0.5949 0.0111  0.0315  -0.0155 6  OMU A "O3'" 
115 O "O4'" . OMU A 5 ? 0.4873 0.4743 0.5160 0.0010  0.0554  0.0252  6  OMU A "O4'" 
116 C "C5'" . OMU A 5 ? 0.4593 0.4612 0.5038 0.0084  0.0267  -0.0118 6  OMU A "C5'" 
117 O "O5'" . OMU A 5 ? 0.4788 0.4132 0.5097 0.0087  0.0344  -0.0389 6  OMU A "O5'" 
118 P P     . OMU A 5 ? 0.4863 0.4033 0.5137 -0.0180 0.0148  -0.0763 6  OMU A P     
119 O OP1   . OMU A 5 ? 0.5869 0.4351 0.5808 -0.0639 0.0209  -0.0293 6  OMU A OP1   
120 O OP2   . OMU A 5 ? 0.4707 0.3641 0.5117 -0.0568 -0.0215 -0.0722 6  OMU A OP2   
121 P P     . DA  A 6 ? 0.5689 0.4580 0.5781 -0.0216 0.0223  -0.0092 7  DA  A P     
122 O OP1   . DA  A 6 ? 0.5647 0.4907 0.6107 -0.0144 0.0311  -0.0285 7  DA  A OP1   
123 O OP2   . DA  A 6 ? 0.4980 0.4865 0.5101 -0.0547 0.0222  0.0165  7  DA  A OP2   
124 O "O5'" . DA  A 6 ? 0.5523 0.4457 0.5329 -0.0169 0.0116  0.0006  7  DA  A "O5'" 
125 C "C5'" . DA  A 6 ? 0.5652 0.4960 0.5356 0.0094  -0.0023 -0.0111 7  DA  A "C5'" 
126 C "C4'" . DA  A 6 ? 0.5365 0.4820 0.5378 -0.0048 0.0101  -0.0036 7  DA  A "C4'" 
127 O "O4'" . DA  A 6 ? 0.5314 0.5198 0.5458 -0.0146 0.0078  -0.0117 7  DA  A "O4'" 
128 C "C3'" . DA  A 6 ? 0.5212 0.4780 0.5279 -0.0084 0.0162  -0.0091 7  DA  A "C3'" 
129 O "O3'" . DA  A 6 ? 0.5433 0.4888 0.5373 0.0037  0.0173  -0.0149 7  DA  A "O3'" 
130 C "C2'" . DA  A 6 ? 0.4936 0.5218 0.5151 -0.0137 0.0116  -0.0127 7  DA  A "C2'" 
131 C "C1'" . DA  A 6 ? 0.4881 0.4683 0.4835 -0.0106 0.0149  0.0028  7  DA  A "C1'" 
132 N N9    . DA  A 6 ? 0.4271 0.4453 0.4348 -0.0070 0.0163  -0.0116 7  DA  A N9    
133 C C8    . DA  A 6 ? 0.3736 0.3804 0.3933 0.0046  0.0169  0.0040  7  DA  A C8    
134 N N7    . DA  A 6 ? 0.3743 0.3881 0.4283 0.0023  0.0107  -0.0284 7  DA  A N7    
135 C C5    . DA  A 6 ? 0.3395 0.3752 0.3974 -0.0286 0.0154  -0.0132 7  DA  A C5    
136 C C6    . DA  A 6 ? 0.3169 0.3704 0.3793 -0.0023 0.0067  -0.0237 7  DA  A C6    
137 N N6    . DA  A 6 ? 0.3702 0.3900 0.4094 -0.0388 -0.0026 -0.0137 7  DA  A N6    
138 N N1    . DA  A 6 ? 0.3130 0.3726 0.3557 -0.0312 -0.0263 0.0033  7  DA  A N1    
139 C C2    . DA  A 6 ? 0.2855 0.3505 0.3998 -0.0263 -0.0110 0.0250  7  DA  A C2    
140 N N3    . DA  A 6 ? 0.4035 0.3909 0.4220 -0.0496 0.0324  -0.0322 7  DA  A N3    
141 C C4    . DA  A 6 ? 0.3586 0.3859 0.3853 -0.0308 0.0061  -0.0043 7  DA  A C4    
142 P P     . DC  A 7 ? 0.5492 0.4525 0.5282 -0.0239 0.0291  0.0173  8  DC  A P     
143 O OP1   . DC  A 7 ? 0.5549 0.4943 0.5756 -0.0234 0.0249  -0.0098 8  DC  A OP1   
144 O OP2   . DC  A 7 ? 0.5426 0.4665 0.4920 -0.0502 -0.0046 -0.0257 8  DC  A OP2   
145 O "O5'" . DC  A 7 ? 0.5074 0.4351 0.4811 -0.0269 0.0155  0.0270  8  DC  A "O5'" 
146 C "C5'" . DC  A 7 ? 0.4534 0.3974 0.4339 -0.0273 0.0058  0.0388  8  DC  A "C5'" 
147 C "C4'" . DC  A 7 ? 0.4719 0.4556 0.4273 -0.0251 0.0096  0.0302  8  DC  A "C4'" 
148 O "O4'" . DC  A 7 ? 0.4641 0.4486 0.4384 -0.0196 0.0230  0.0246  8  DC  A "O4'" 
149 C "C3'" . DC  A 7 ? 0.4755 0.4874 0.4721 -0.0352 0.0142  0.0205  8  DC  A "C3'" 
150 O "O3'" . DC  A 7 ? 0.5455 0.5553 0.5356 -0.0357 0.0397  0.0237  8  DC  A "O3'" 
151 C "C2'" . DC  A 7 ? 0.4312 0.4503 0.4082 -0.0300 0.0142  0.0112  8  DC  A "C2'" 
152 C "C1'" . DC  A 7 ? 0.4221 0.4475 0.4141 0.0063  0.0167  0.0126  8  DC  A "C1'" 
153 N N1    . DC  A 7 ? 0.3991 0.4151 0.4083 -0.0157 0.0120  0.0147  8  DC  A N1    
154 C C2    . DC  A 7 ? 0.3716 0.4042 0.4016 -0.0131 0.0164  0.0100  8  DC  A C2    
155 O O2    . DC  A 7 ? 0.4137 0.4116 0.3806 -0.0614 0.0084  0.0088  8  DC  A O2    
156 N N3    . DC  A 7 ? 0.3565 0.4081 0.3940 -0.0117 -0.0032 0.0123  8  DC  A N3    
157 C C4    . DC  A 7 ? 0.3569 0.3915 0.3866 -0.0037 0.0015  0.0047  8  DC  A C4    
158 N N4    . DC  A 7 ? 0.3607 0.3752 0.4024 -0.0090 -0.0250 0.0274  8  DC  A N4    
159 C C5    . DC  A 7 ? 0.3441 0.3802 0.3815 -0.0239 -0.0068 0.0219  8  DC  A C5    
160 C C6    . DC  A 7 ? 0.3963 0.4084 0.4023 -0.0107 0.0192  0.0005  8  DC  A C6    
161 P P     . DG  A 8 ? 0.5388 0.5454 0.5090 -0.0540 0.0257  0.0317  9  DG  A P     
162 O OP1   . DG  A 8 ? 0.5719 0.5685 0.5605 -0.0504 0.0360  0.0202  9  DG  A OP1   
163 O OP2   . DG  A 8 ? 0.5221 0.5444 0.5457 -0.0661 0.0227  -0.0037 9  DG  A OP2   
164 O "O5'" . DG  A 8 ? 0.4396 0.5011 0.4057 -0.0396 0.0039  0.0547  9  DG  A "O5'" 
165 C "C5'" . DG  A 8 ? 0.3751 0.4583 0.4046 -0.0398 0.0054  0.0142  9  DG  A "C5'" 
166 C "C4'" . DG  A 8 ? 0.3960 0.4771 0.3882 -0.0321 -0.0119 0.0336  9  DG  A "C4'" 
167 O "O4'" . DG  A 8 ? 0.4815 0.5006 0.4593 -0.0380 -0.0275 0.0070  9  DG  A "O4'" 
168 C "C3'" . DG  A 8 ? 0.4735 0.5273 0.4816 -0.0101 -0.0215 0.0138  9  DG  A "C3'" 
169 O "O3'" . DG  A 8 ? 0.5087 0.5981 0.4997 -0.0125 -0.0212 0.0615  9  DG  A "O3'" 
170 C "C2'" . DG  A 8 ? 0.4971 0.5166 0.4667 -0.0196 -0.0077 0.0061  9  DG  A "C2'" 
171 C "C1'" . DG  A 8 ? 0.4598 0.4718 0.4395 -0.0188 -0.0094 -0.0026 9  DG  A "C1'" 
172 N N9    . DG  A 8 ? 0.4339 0.4359 0.4108 -0.0333 -0.0080 0.0014  9  DG  A N9    
173 C C8    . DG  A 8 ? 0.3828 0.4152 0.3583 -0.0356 -0.0024 -0.0060 9  DG  A C8    
174 N N7    . DG  A 8 ? 0.3840 0.4082 0.3470 -0.0260 -0.0516 -0.0081 9  DG  A N7    
175 C C5    . DG  A 8 ? 0.3438 0.3832 0.3497 -0.0142 -0.0557 -0.0218 9  DG  A C5    
176 C C6    . DG  A 8 ? 0.3202 0.3867 0.3250 -0.0196 -0.0315 -0.0125 9  DG  A C6    
177 O O6    . DG  A 8 ? 0.3558 0.4281 0.3083 -0.0069 -0.0194 -0.0043 9  DG  A O6    
178 N N1    . DG  A 8 ? 0.2761 0.3980 0.3444 0.0111  -0.0735 0.0119  9  DG  A N1    
179 C C2    . DG  A 8 ? 0.3497 0.3954 0.3519 0.0058  -0.0337 0.0068  9  DG  A C2    
180 N N2    . DG  A 8 ? 0.3656 0.3894 0.3477 -0.0016 -0.0800 -0.0225 9  DG  A N2    
181 N N3    . DG  A 8 ? 0.3546 0.3931 0.3797 -0.0255 -0.0466 -0.0168 9  DG  A N3    
182 C C4    . DG  A 8 ? 0.3043 0.4070 0.3246 0.0003  -0.0517 0.0077  9  DG  A C4    
183 P P     . DC  A 9 ? 0.5564 0.6855 0.6571 -0.0283 -0.0246 0.0214  10 DC  A P     
184 O OP1   . DC  A 9 ? 0.5725 0.7020 0.6113 0.0155  -0.0358 0.0401  10 DC  A OP1   
185 O OP2   . DC  A 9 ? 0.5671 0.6362 0.6294 -0.0150 -0.0180 0.0105  10 DC  A OP2   
186 O "O5'" . DC  A 9 ? 0.5127 0.6139 0.5933 -0.0192 -0.0341 0.0297  10 DC  A "O5'" 
187 C "C5'" . DC  A 9 ? 0.5468 0.6099 0.5859 0.0022  0.0043  0.0221  10 DC  A "C5'" 
188 C "C4'" . DC  A 9 ? 0.5443 0.6156 0.5649 -0.0169 -0.0074 0.0262  10 DC  A "C4'" 
189 O "O4'" . DC  A 9 ? 0.5090 0.5974 0.4911 0.0027  -0.0311 0.0626  10 DC  A "O4'" 
190 C "C3'" . DC  A 9 ? 0.5628 0.6152 0.5447 -0.0056 -0.0141 0.0513  10 DC  A "C3'" 
191 O "O3'" . DC  A 9 ? 0.5926 0.6725 0.5540 0.0208  -0.0324 0.0445  10 DC  A "O3'" 
192 C "C2'" . DC  A 9 ? 0.4699 0.6007 0.4927 -0.0118 -0.0263 0.0503  10 DC  A "C2'" 
193 C "C1'" . DC  A 9 ? 0.4862 0.5635 0.4783 -0.0035 -0.0245 0.0337  10 DC  A "C1'" 
194 N N1    . DC  A 9 ? 0.3768 0.4679 0.3997 -0.0165 -0.0562 0.0596  10 DC  A N1    
195 C C2    . DC  A 9 ? 0.3657 0.4381 0.3677 -0.0267 -0.0281 0.0192  10 DC  A C2    
196 O O2    . DC  A 9 ? 0.4009 0.4269 0.3719 -0.0374 -0.0555 0.0541  10 DC  A O2    
197 N N3    . DC  A 9 ? 0.3723 0.4648 0.3560 -0.0083 -0.0787 0.0348  10 DC  A N3    
198 C C4    . DC  A 9 ? 0.3327 0.4209 0.3685 -0.0303 -0.0586 0.0119  10 DC  A C4    
199 N N4    . DC  A 9 ? 0.3561 0.4619 0.3657 -0.0299 -0.0393 0.0114  10 DC  A N4    
200 C C5    . DC  A 9 ? 0.3750 0.4646 0.3839 -0.0528 -0.0344 0.0241  10 DC  A C5    
201 C C6    . DC  A 9 ? 0.3767 0.4455 0.3930 -0.0059 -0.0324 0.0015  10 DC  A C6    
202 O O     . HOH B . ? 0.7308 0.7430 0.7766 0.0019  0.0021  0.0306  5  HOH A O     
203 O O     . HOH B . ? 0.6364 0.4902 0.5957 -0.0121 0.0430  -0.0031 11 HOH A O     
204 O O     . HOH B . ? 0.4985 0.3201 0.4908 0.0229  -0.0041 0.0163  12 HOH A O     
205 O O     . HOH B . ? 0.6597 0.6899 0.5409 0.0114  -0.0202 -0.0228 13 HOH A O     
206 O O     . HOH B . ? 0.5258 0.5511 0.6209 -0.0268 -0.0245 -0.0339 15 HOH A O     
207 O O     . HOH B . ? 0.5696 0.6115 0.5630 -0.0288 -0.0239 0.0108  16 HOH A O     
208 O O     . HOH B . ? 0.7338 0.6317 0.7488 -0.0473 0.0163  -0.0103 17 HOH A O     
209 O O     . HOH B . ? 0.4525 0.4903 0.4561 -0.0396 0.0013  -0.0269 18 HOH A O     
210 O O     . HOH B . ? 0.7074 0.5854 0.6981 0.0154  -0.0001 -0.0144 20 HOH A O     
211 O O     . HOH B . ? 0.5027 0.5002 0.4930 -0.0457 0.0291  -0.0413 21 HOH A O     
212 O O     . HOH B . ? 0.3297 0.2589 0.3748 0.0129  0.0188  -0.0810 22 HOH A O     
213 O O     . HOH B . ? 0.5678 0.5450 0.4951 0.0290  0.0133  0.0130  23 HOH A O     
214 O O     . HOH B . ? 0.7597 0.7229 0.7291 -0.0050 0.0102  0.0021  24 HOH A O     
215 O O     . HOH B . ? 0.4337 0.3843 0.4282 0.0074  0.0508  -0.0272 25 HOH A O     
216 O O     . HOH B . ? 0.3549 0.2963 0.3276 0.0223  -0.0119 0.0609  26 HOH A O     
217 O O     . HOH B . ? 0.5755 0.4629 0.4935 0.0039  -0.0037 -0.0081 27 HOH A O     
218 O O     . HOH B . ? 0.6266 0.5880 0.6418 0.0303  0.0233  -0.0207 28 HOH A O     
219 O O     . HOH B . ? 0.2627 0.2191 0.4230 -0.0100 0.0102  0.0063  29 HOH A O     
220 O O     . HOH B . ? 0.6179 0.7115 0.6252 -0.0155 0.0235  -0.0014 30 HOH A O     
221 O O     . HOH B . ? 0.4830 0.5826 0.5463 -0.0181 -0.0303 0.0329  31 HOH A O     
222 O O     . HOH B . ? 0.7049 0.7094 0.7151 -0.0465 -0.0195 -0.0343 32 HOH A O     
223 O O     . HOH B . ? 0.4785 0.4949 0.4927 -0.0391 -0.0334 -0.0208 33 HOH A O     
224 O O     . HOH B . ? 0.5882 0.4656 0.6107 0.0172  0.0084  -0.0262 34 HOH A O     
# 
loop_
_pdbx_poly_seq_scheme.asym_id 
_pdbx_poly_seq_scheme.entity_id 
_pdbx_poly_seq_scheme.seq_id 
_pdbx_poly_seq_scheme.mon_id 
_pdbx_poly_seq_scheme.ndb_seq_num 
_pdbx_poly_seq_scheme.pdb_seq_num 
_pdbx_poly_seq_scheme.auth_seq_num 
_pdbx_poly_seq_scheme.pdb_mon_id 
_pdbx_poly_seq_scheme.auth_mon_id 
_pdbx_poly_seq_scheme.pdb_strand_id 
_pdbx_poly_seq_scheme.pdb_ins_code 
_pdbx_poly_seq_scheme.hetero 
A 1 1 DG  1 1  1  DG  DG  A . n 
A 1 2 DC  2 2  2  DC  DC  A . n 
A 1 3 DG  3 3  3  DG  DG  A . n 
A 1 4 US4 4 4  4  US4 US4 A . n 
A 1 5 OMU 5 6  6  OMU OMU A . n 
A 1 6 DA  6 7  7  DA  DA  A . n 
A 1 7 DC  7 8  8  DC  DC  A . n 
A 1 8 DG  8 9  9  DG  DG  A . n 
A 1 9 DC  9 10 10 DC  DC  A . n 
# 
loop_
_pdbx_nonpoly_scheme.asym_id 
_pdbx_nonpoly_scheme.entity_id 
_pdbx_nonpoly_scheme.mon_id 
_pdbx_nonpoly_scheme.ndb_seq_num 
_pdbx_nonpoly_scheme.pdb_seq_num 
_pdbx_nonpoly_scheme.auth_seq_num 
_pdbx_nonpoly_scheme.pdb_mon_id 
_pdbx_nonpoly_scheme.auth_mon_id 
_pdbx_nonpoly_scheme.pdb_strand_id 
_pdbx_nonpoly_scheme.pdb_ins_code 
B 2 HOH 1  5  5  HOH HOH A . 
B 2 HOH 2  11 11 HOH HOH A . 
B 2 HOH 3  12 12 HOH HOH A . 
B 2 HOH 4  13 13 HOH HOH A . 
B 2 HOH 5  15 15 HOH HOH A . 
B 2 HOH 6  16 16 HOH HOH A . 
B 2 HOH 7  17 17 HOH HOH A . 
B 2 HOH 8  18 18 HOH HOH A . 
B 2 HOH 9  20 20 HOH HOH A . 
B 2 HOH 10 21 21 HOH HOH A . 
B 2 HOH 11 22 22 HOH HOH A . 
B 2 HOH 12 23 23 HOH HOH A . 
B 2 HOH 13 24 24 HOH HOH A . 
B 2 HOH 14 25 25 HOH HOH A . 
B 2 HOH 15 26 26 HOH HOH A . 
B 2 HOH 16 27 27 HOH HOH A . 
B 2 HOH 17 28 28 HOH HOH A . 
B 2 HOH 18 29 29 HOH HOH A . 
B 2 HOH 19 30 30 HOH HOH A . 
B 2 HOH 20 31 31 HOH HOH A . 
B 2 HOH 21 32 32 HOH HOH A . 
B 2 HOH 22 33 33 HOH HOH A . 
B 2 HOH 23 34 34 HOH HOH A . 
# 
_pdbx_struct_mod_residue.id               1 
_pdbx_struct_mod_residue.label_asym_id    A 
_pdbx_struct_mod_residue.label_comp_id    OMU 
_pdbx_struct_mod_residue.label_seq_id     5 
_pdbx_struct_mod_residue.auth_asym_id     A 
_pdbx_struct_mod_residue.auth_comp_id     OMU 
_pdbx_struct_mod_residue.auth_seq_id      6 
_pdbx_struct_mod_residue.PDB_ins_code     ? 
_pdbx_struct_mod_residue.parent_comp_id   U 
_pdbx_struct_mod_residue.details          
;O2'-METHYLURIDINE 5'-MONOPHOSPHATE
;
# 
_pdbx_struct_assembly.id                   1 
_pdbx_struct_assembly.details              software_defined_assembly 
_pdbx_struct_assembly.method_details       PISA 
_pdbx_struct_assembly.oligomeric_details   dimeric 
_pdbx_struct_assembly.oligomeric_count     2 
# 
_pdbx_struct_assembly_gen.assembly_id       1 
_pdbx_struct_assembly_gen.oper_expression   1,2 
_pdbx_struct_assembly_gen.asym_id_list      A,B 
# 
loop_
_pdbx_struct_assembly_prop.biol_id 
_pdbx_struct_assembly_prop.type 
_pdbx_struct_assembly_prop.value 
_pdbx_struct_assembly_prop.details 
1 'ABSA (A^2)' 2100 ? 
1 MORE         4    ? 
1 'SSA (A^2)'  3470 ? 
# 
loop_
_pdbx_struct_oper_list.id 
_pdbx_struct_oper_list.type 
_pdbx_struct_oper_list.name 
_pdbx_struct_oper_list.symmetry_operation 
_pdbx_struct_oper_list.matrix[1][1] 
_pdbx_struct_oper_list.matrix[1][2] 
_pdbx_struct_oper_list.matrix[1][3] 
_pdbx_struct_oper_list.vector[1] 
_pdbx_struct_oper_list.matrix[2][1] 
_pdbx_struct_oper_list.matrix[2][2] 
_pdbx_struct_oper_list.matrix[2][3] 
_pdbx_struct_oper_list.vector[2] 
_pdbx_struct_oper_list.matrix[3][1] 
_pdbx_struct_oper_list.matrix[3][2] 
_pdbx_struct_oper_list.matrix[3][3] 
_pdbx_struct_oper_list.vector[3] 
1 'identity operation'         1_555 x,y,z  1.0000000000  0.0000000000  0.0000000000 0.0000000000 0.0000000000  1.0000000000 0.0000000000  0.0000000000 0.0000000000 0.0000000000  1.0000000000  0.0000000000 
2 'crystal symmetry operation' 7_555 y,x,-z -0.4475982349 -0.8058610204 0.3876129977 2.9648167135 -0.8058610204 0.1756153314 -0.5654619980 3.0832146201 0.3876129977 -0.5654619980 -0.7280170965 2.1848402893 
# 
loop_
_pdbx_audit_revision_history.ordinal 
_pdbx_audit_revision_history.data_content_type 
_pdbx_audit_revision_history.major_revision 
_pdbx_audit_revision_history.minor_revision 
_pdbx_audit_revision_history.revision_date 
1 'Structure model' 1 0 2009-10-27 
2 'Structure model' 1 1 2011-07-13 
3 'Structure model' 1 2 2015-03-25 
4 'Structure model' 1 3 2023-09-06 
# 
_pdbx_audit_revision_details.ordinal             1 
_pdbx_audit_revision_details.revision_ordinal    1 
_pdbx_audit_revision_details.data_content_type   'Structure model' 
_pdbx_audit_revision_details.provider            repository 
_pdbx_audit_revision_details.type                'Initial release' 
_pdbx_audit_revision_details.description         ? 
_pdbx_audit_revision_details.details             ? 
# 
loop_
_pdbx_audit_revision_group.ordinal 
_pdbx_audit_revision_group.revision_ordinal 
_pdbx_audit_revision_group.data_content_type 
_pdbx_audit_revision_group.group 
1 2 'Structure model' 'Version format compliance' 
2 3 'Structure model' Other                       
3 4 'Structure model' Advisory                    
4 4 'Structure model' 'Data collection'           
5 4 'Structure model' 'Database references'       
6 4 'Structure model' 'Derived calculations'      
7 4 'Structure model' 'Refinement description'    
# 
loop_
_pdbx_audit_revision_category.ordinal 
_pdbx_audit_revision_category.revision_ordinal 
_pdbx_audit_revision_category.data_content_type 
_pdbx_audit_revision_category.category 
1 4 'Structure model' chem_comp_atom                
2 4 'Structure model' chem_comp_bond                
3 4 'Structure model' database_2                    
4 4 'Structure model' pdbx_initial_refinement_model 
5 4 'Structure model' pdbx_validate_polymer_linkage 
6 4 'Structure model' struct_conn                   
# 
loop_
_pdbx_audit_revision_item.ordinal 
_pdbx_audit_revision_item.revision_ordinal 
_pdbx_audit_revision_item.data_content_type 
_pdbx_audit_revision_item.item 
1  4 'Structure model' '_database_2.pdbx_DOI'                
2  4 'Structure model' '_database_2.pdbx_database_accession' 
3  4 'Structure model' '_struct_conn.pdbx_dist_value'        
4  4 'Structure model' '_struct_conn.pdbx_leaving_atom_flag' 
5  4 'Structure model' '_struct_conn.ptnr1_auth_comp_id'     
6  4 'Structure model' '_struct_conn.ptnr1_auth_seq_id'      
7  4 'Structure model' '_struct_conn.ptnr1_label_atom_id'    
8  4 'Structure model' '_struct_conn.ptnr1_label_comp_id'    
9  4 'Structure model' '_struct_conn.ptnr1_label_seq_id'     
10 4 'Structure model' '_struct_conn.ptnr2_auth_comp_id'     
11 4 'Structure model' '_struct_conn.ptnr2_auth_seq_id'      
12 4 'Structure model' '_struct_conn.ptnr2_label_comp_id'    
13 4 'Structure model' '_struct_conn.ptnr2_label_seq_id'     
# 
loop_
_software.name 
_software.classification 
_software.version 
_software.citation_id 
_software.pdbx_ordinal 
ADSC     'data collection' Quantum  ? 1 
MOLREP   phasing           .        ? 2 
REFMAC   refinement        5.5.0088 ? 3 
HKL-2000 'data reduction'  .        ? 4 
HKL-2000 'data scaling'    .        ? 5 
# 
loop_
_pdbx_validate_rmsd_bond.id 
_pdbx_validate_rmsd_bond.PDB_model_num 
_pdbx_validate_rmsd_bond.auth_atom_id_1 
_pdbx_validate_rmsd_bond.auth_asym_id_1 
_pdbx_validate_rmsd_bond.auth_comp_id_1 
_pdbx_validate_rmsd_bond.auth_seq_id_1 
_pdbx_validate_rmsd_bond.PDB_ins_code_1 
_pdbx_validate_rmsd_bond.label_alt_id_1 
_pdbx_validate_rmsd_bond.auth_atom_id_2 
_pdbx_validate_rmsd_bond.auth_asym_id_2 
_pdbx_validate_rmsd_bond.auth_comp_id_2 
_pdbx_validate_rmsd_bond.auth_seq_id_2 
_pdbx_validate_rmsd_bond.PDB_ins_code_2 
_pdbx_validate_rmsd_bond.label_alt_id_2 
_pdbx_validate_rmsd_bond.bond_value 
_pdbx_validate_rmsd_bond.bond_target_value 
_pdbx_validate_rmsd_bond.bond_deviation 
_pdbx_validate_rmsd_bond.bond_standard_deviation 
_pdbx_validate_rmsd_bond.linker_flag 
1 1 "O3'" A DG 1  ? ? "C3'" A DG 1  ? ? 1.382 1.419 -0.037 0.006 N 
2 1 "O3'" A DG 3  ? ? "C3'" A DG 3  ? ? 1.374 1.419 -0.045 0.006 N 
3 1 C5    A DG 3  ? ? N7    A DG 3  ? ? 1.428 1.388 0.040  0.006 N 
4 1 "O3'" A DG 9  ? ? "C3'" A DG 9  ? ? 1.352 1.419 -0.067 0.006 N 
5 1 N1    A DC 10 ? ? C6    A DC 10 ? ? 1.325 1.367 -0.042 0.006 N 
# 
loop_
_pdbx_validate_rmsd_angle.id 
_pdbx_validate_rmsd_angle.PDB_model_num 
_pdbx_validate_rmsd_angle.auth_atom_id_1 
_pdbx_validate_rmsd_angle.auth_asym_id_1 
_pdbx_validate_rmsd_angle.auth_comp_id_1 
_pdbx_validate_rmsd_angle.auth_seq_id_1 
_pdbx_validate_rmsd_angle.PDB_ins_code_1 
_pdbx_validate_rmsd_angle.label_alt_id_1 
_pdbx_validate_rmsd_angle.auth_atom_id_2 
_pdbx_validate_rmsd_angle.auth_asym_id_2 
_pdbx_validate_rmsd_angle.auth_comp_id_2 
_pdbx_validate_rmsd_angle.auth_seq_id_2 
_pdbx_validate_rmsd_angle.PDB_ins_code_2 
_pdbx_validate_rmsd_angle.label_alt_id_2 
_pdbx_validate_rmsd_angle.auth_atom_id_3 
_pdbx_validate_rmsd_angle.auth_asym_id_3 
_pdbx_validate_rmsd_angle.auth_comp_id_3 
_pdbx_validate_rmsd_angle.auth_seq_id_3 
_pdbx_validate_rmsd_angle.PDB_ins_code_3 
_pdbx_validate_rmsd_angle.label_alt_id_3 
_pdbx_validate_rmsd_angle.angle_value 
_pdbx_validate_rmsd_angle.angle_target_value 
_pdbx_validate_rmsd_angle.angle_deviation 
_pdbx_validate_rmsd_angle.angle_standard_deviation 
_pdbx_validate_rmsd_angle.linker_flag 
1  1 N1    A DG  1  ? ? C6    A DG 1  ? ? O6    A DG 1  ? ? 124.65 119.90 4.75  0.60 N 
2  1 N3    A DC  2  ? ? C2    A DC 2  ? ? O2    A DC 2  ? ? 126.22 121.90 4.32  0.70 N 
3  1 C5    A DC  2  ? ? C4    A DC 2  ? ? N4    A DC 2  ? ? 115.70 120.20 -4.50 0.70 N 
4  1 C5    A DG  3  ? ? C6    A DG 3  ? ? N1    A DG 3  ? ? 115.13 111.50 3.63  0.50 N 
5  1 "O3'" A OMU 6  ? ? P     A DA 7  ? ? OP2   A DA 7  ? ? 117.21 110.50 6.71  1.10 Y 
6  1 "O4'" A DG  9  ? ? "C4'" A DG 9  ? ? "C3'" A DG 9  ? ? 99.22  104.50 -5.28 0.40 N 
7  1 "C3'" A DG  9  ? ? "C2'" A DG 9  ? ? "C1'" A DG 9  ? ? 95.52  102.40 -6.88 0.80 N 
8  1 C8    A DG  9  ? ? N9    A DG 9  ? ? C4    A DG 9  ? ? 108.89 106.40 2.49  0.40 N 
9  1 "O4'" A DC  10 ? ? "C4'" A DC 10 ? ? "C3'" A DC 10 ? ? 100.90 104.50 -3.60 0.40 N 
10 1 "O4'" A DC  10 ? ? "C1'" A DC 10 ? ? N1    A DC 10 ? ? 114.34 108.30 6.04  0.30 N 
11 1 N3    A DC  10 ? ? C4    A DC 10 ? ? N4    A DC 10 ? ? 123.71 118.00 5.71  0.70 N 
12 1 C5    A DC  10 ? ? C4    A DC 10 ? ? N4    A DC 10 ? ? 112.10 120.20 -8.10 0.70 N 
# 
loop_
_chem_comp_atom.comp_id 
_chem_comp_atom.atom_id 
_chem_comp_atom.type_symbol 
_chem_comp_atom.pdbx_aromatic_flag 
_chem_comp_atom.pdbx_stereo_config 
_chem_comp_atom.pdbx_ordinal 
DA  OP3    O N N 1   
DA  P      P N N 2   
DA  OP1    O N N 3   
DA  OP2    O N N 4   
DA  "O5'"  O N N 5   
DA  "C5'"  C N N 6   
DA  "C4'"  C N R 7   
DA  "O4'"  O N N 8   
DA  "C3'"  C N S 9   
DA  "O3'"  O N N 10  
DA  "C2'"  C N N 11  
DA  "C1'"  C N R 12  
DA  N9     N Y N 13  
DA  C8     C Y N 14  
DA  N7     N Y N 15  
DA  C5     C Y N 16  
DA  C6     C Y N 17  
DA  N6     N N N 18  
DA  N1     N Y N 19  
DA  C2     C Y N 20  
DA  N3     N Y N 21  
DA  C4     C Y N 22  
DA  HOP3   H N N 23  
DA  HOP2   H N N 24  
DA  "H5'"  H N N 25  
DA  "H5''" H N N 26  
DA  "H4'"  H N N 27  
DA  "H3'"  H N N 28  
DA  "HO3'" H N N 29  
DA  "H2'"  H N N 30  
DA  "H2''" H N N 31  
DA  "H1'"  H N N 32  
DA  H8     H N N 33  
DA  H61    H N N 34  
DA  H62    H N N 35  
DA  H2     H N N 36  
DC  OP3    O N N 37  
DC  P      P N N 38  
DC  OP1    O N N 39  
DC  OP2    O N N 40  
DC  "O5'"  O N N 41  
DC  "C5'"  C N N 42  
DC  "C4'"  C N R 43  
DC  "O4'"  O N N 44  
DC  "C3'"  C N S 45  
DC  "O3'"  O N N 46  
DC  "C2'"  C N N 47  
DC  "C1'"  C N R 48  
DC  N1     N N N 49  
DC  C2     C N N 50  
DC  O2     O N N 51  
DC  N3     N N N 52  
DC  C4     C N N 53  
DC  N4     N N N 54  
DC  C5     C N N 55  
DC  C6     C N N 56  
DC  HOP3   H N N 57  
DC  HOP2   H N N 58  
DC  "H5'"  H N N 59  
DC  "H5''" H N N 60  
DC  "H4'"  H N N 61  
DC  "H3'"  H N N 62  
DC  "HO3'" H N N 63  
DC  "H2'"  H N N 64  
DC  "H2''" H N N 65  
DC  "H1'"  H N N 66  
DC  H41    H N N 67  
DC  H42    H N N 68  
DC  H5     H N N 69  
DC  H6     H N N 70  
DG  OP3    O N N 71  
DG  P      P N N 72  
DG  OP1    O N N 73  
DG  OP2    O N N 74  
DG  "O5'"  O N N 75  
DG  "C5'"  C N N 76  
DG  "C4'"  C N R 77  
DG  "O4'"  O N N 78  
DG  "C3'"  C N S 79  
DG  "O3'"  O N N 80  
DG  "C2'"  C N N 81  
DG  "C1'"  C N R 82  
DG  N9     N Y N 83  
DG  C8     C Y N 84  
DG  N7     N Y N 85  
DG  C5     C Y N 86  
DG  C6     C N N 87  
DG  O6     O N N 88  
DG  N1     N N N 89  
DG  C2     C N N 90  
DG  N2     N N N 91  
DG  N3     N N N 92  
DG  C4     C Y N 93  
DG  HOP3   H N N 94  
DG  HOP2   H N N 95  
DG  "H5'"  H N N 96  
DG  "H5''" H N N 97  
DG  "H4'"  H N N 98  
DG  "H3'"  H N N 99  
DG  "HO3'" H N N 100 
DG  "H2'"  H N N 101 
DG  "H2''" H N N 102 
DG  "H1'"  H N N 103 
DG  H8     H N N 104 
DG  H1     H N N 105 
DG  H21    H N N 106 
DG  H22    H N N 107 
HOH O      O N N 108 
HOH H1     H N N 109 
HOH H2     H N N 110 
OMU N1     N N N 111 
OMU C2     C N N 112 
OMU N3     N N N 113 
OMU C4     C N N 114 
OMU C5     C N N 115 
OMU C6     C N N 116 
OMU O2     O N N 117 
OMU O4     O N N 118 
OMU "C1'"  C N R 119 
OMU "C2'"  C N R 120 
OMU "O2'"  O N N 121 
OMU CM2    C N N 122 
OMU "C3'"  C N R 123 
OMU "C4'"  C N R 124 
OMU "O3'"  O N N 125 
OMU "O4'"  O N N 126 
OMU "C5'"  C N N 127 
OMU "O5'"  O N N 128 
OMU P      P N N 129 
OMU OP1    O N N 130 
OMU OP2    O N N 131 
OMU OP3    O N N 132 
OMU HN3    H N N 133 
OMU H5     H N N 134 
OMU H6     H N N 135 
OMU "H1'"  H N N 136 
OMU "H2'"  H N N 137 
OMU HM21   H N N 138 
OMU HM22   H N N 139 
OMU HM23   H N N 140 
OMU "H3'"  H N N 141 
OMU "H4'"  H N N 142 
OMU "HO3'" H N N 143 
OMU "H5'"  H N N 144 
OMU "H5''" H N N 145 
OMU HOP2   H N N 146 
OMU HOP3   H N N 147 
US4 P      P N N 148 
US4 O1P    O N N 149 
US4 O2P    O N N 150 
US4 "O5'"  O N N 151 
US4 "C5'"  C N N 152 
US4 "C4'"  C N R 153 
US4 "C3'"  C N S 154 
US4 "C2'"  C N N 155 
US4 "C1'"  C N R 156 
US4 "O4'"  O N N 157 
US4 N1     N N N 158 
US4 C2     C N N 159 
US4 N3     N N N 160 
US4 C4     C N N 161 
US4 O4     O N N 162 
US4 C5     C N N 163 
US4 C5M    C N N 164 
US4 C6     C N N 165 
US4 O2     O N N 166 
US4 "O3'"  O N N 167 
US4 "C7'"  C N N 168 
US4 "O8'"  O N N 169 
US4 "C9'"  C N N 170 
US4 "CU'"  C N R 171 
US4 "CY'"  C N S 172 
US4 "OZ'"  O N N 173 
US4 "CX'"  C N N 174 
US4 "CW'"  C N R 175 
US4 "OV'"  O N N 176 
US4 N19    N Y N 177 
US4 C14    C Y N 178 
US4 N13    N Y N 179 
US4 C12    C Y N 180 
US4 N11    N Y N 181 
US4 C16    C Y N 182 
US4 N16    N N N 183 
US4 C15    C Y N 184 
US4 N17    N Y N 185 
US4 C18    C Y N 186 
US4 "H15'" H N N 187 
US4 "H25'" H N N 188 
US4 "H4'"  H N N 189 
US4 "H3'"  H N N 190 
US4 "H12'" H N N 191 
US4 "H22'" H N N 192 
US4 "H1'"  H N N 193 
US4 HN3    H N N 194 
US4 H15M   H N N 195 
US4 H25M   H N N 196 
US4 H35M   H N N 197 
US4 H6     H N N 198 
US4 "H17'" H N N 199 
US4 "H27'" H N N 200 
US4 "H19'" H N N 201 
US4 "H29'" H N N 202 
US4 "HU'"  H N N 203 
US4 "HY'"  H N N 204 
US4 "HOZ'" H N N 205 
US4 "H1X'" H N N 206 
US4 "H2X'" H N N 207 
US4 "HW'"  H N N 208 
US4 H12    H N N 209 
US4 H116   H N N 210 
US4 H216   H N N 211 
US4 H18    H N N 212 
US4 O3P    O N N 213 
US4 H27    H N N 214 
US4 HO3P   H N N 215 
# 
loop_
_chem_comp_bond.comp_id 
_chem_comp_bond.atom_id_1 
_chem_comp_bond.atom_id_2 
_chem_comp_bond.value_order 
_chem_comp_bond.pdbx_aromatic_flag 
_chem_comp_bond.pdbx_stereo_config 
_chem_comp_bond.pdbx_ordinal 
DA  OP3   P      sing N N 1   
DA  OP3   HOP3   sing N N 2   
DA  P     OP1    doub N N 3   
DA  P     OP2    sing N N 4   
DA  P     "O5'"  sing N N 5   
DA  OP2   HOP2   sing N N 6   
DA  "O5'" "C5'"  sing N N 7   
DA  "C5'" "C4'"  sing N N 8   
DA  "C5'" "H5'"  sing N N 9   
DA  "C5'" "H5''" sing N N 10  
DA  "C4'" "O4'"  sing N N 11  
DA  "C4'" "C3'"  sing N N 12  
DA  "C4'" "H4'"  sing N N 13  
DA  "O4'" "C1'"  sing N N 14  
DA  "C3'" "O3'"  sing N N 15  
DA  "C3'" "C2'"  sing N N 16  
DA  "C3'" "H3'"  sing N N 17  
DA  "O3'" "HO3'" sing N N 18  
DA  "C2'" "C1'"  sing N N 19  
DA  "C2'" "H2'"  sing N N 20  
DA  "C2'" "H2''" sing N N 21  
DA  "C1'" N9     sing N N 22  
DA  "C1'" "H1'"  sing N N 23  
DA  N9    C8     sing Y N 24  
DA  N9    C4     sing Y N 25  
DA  C8    N7     doub Y N 26  
DA  C8    H8     sing N N 27  
DA  N7    C5     sing Y N 28  
DA  C5    C6     sing Y N 29  
DA  C5    C4     doub Y N 30  
DA  C6    N6     sing N N 31  
DA  C6    N1     doub Y N 32  
DA  N6    H61    sing N N 33  
DA  N6    H62    sing N N 34  
DA  N1    C2     sing Y N 35  
DA  C2    N3     doub Y N 36  
DA  C2    H2     sing N N 37  
DA  N3    C4     sing Y N 38  
DC  OP3   P      sing N N 39  
DC  OP3   HOP3   sing N N 40  
DC  P     OP1    doub N N 41  
DC  P     OP2    sing N N 42  
DC  P     "O5'"  sing N N 43  
DC  OP2   HOP2   sing N N 44  
DC  "O5'" "C5'"  sing N N 45  
DC  "C5'" "C4'"  sing N N 46  
DC  "C5'" "H5'"  sing N N 47  
DC  "C5'" "H5''" sing N N 48  
DC  "C4'" "O4'"  sing N N 49  
DC  "C4'" "C3'"  sing N N 50  
DC  "C4'" "H4'"  sing N N 51  
DC  "O4'" "C1'"  sing N N 52  
DC  "C3'" "O3'"  sing N N 53  
DC  "C3'" "C2'"  sing N N 54  
DC  "C3'" "H3'"  sing N N 55  
DC  "O3'" "HO3'" sing N N 56  
DC  "C2'" "C1'"  sing N N 57  
DC  "C2'" "H2'"  sing N N 58  
DC  "C2'" "H2''" sing N N 59  
DC  "C1'" N1     sing N N 60  
DC  "C1'" "H1'"  sing N N 61  
DC  N1    C2     sing N N 62  
DC  N1    C6     sing N N 63  
DC  C2    O2     doub N N 64  
DC  C2    N3     sing N N 65  
DC  N3    C4     doub N N 66  
DC  C4    N4     sing N N 67  
DC  C4    C5     sing N N 68  
DC  N4    H41    sing N N 69  
DC  N4    H42    sing N N 70  
DC  C5    C6     doub N N 71  
DC  C5    H5     sing N N 72  
DC  C6    H6     sing N N 73  
DG  OP3   P      sing N N 74  
DG  OP3   HOP3   sing N N 75  
DG  P     OP1    doub N N 76  
DG  P     OP2    sing N N 77  
DG  P     "O5'"  sing N N 78  
DG  OP2   HOP2   sing N N 79  
DG  "O5'" "C5'"  sing N N 80  
DG  "C5'" "C4'"  sing N N 81  
DG  "C5'" "H5'"  sing N N 82  
DG  "C5'" "H5''" sing N N 83  
DG  "C4'" "O4'"  sing N N 84  
DG  "C4'" "C3'"  sing N N 85  
DG  "C4'" "H4'"  sing N N 86  
DG  "O4'" "C1'"  sing N N 87  
DG  "C3'" "O3'"  sing N N 88  
DG  "C3'" "C2'"  sing N N 89  
DG  "C3'" "H3'"  sing N N 90  
DG  "O3'" "HO3'" sing N N 91  
DG  "C2'" "C1'"  sing N N 92  
DG  "C2'" "H2'"  sing N N 93  
DG  "C2'" "H2''" sing N N 94  
DG  "C1'" N9     sing N N 95  
DG  "C1'" "H1'"  sing N N 96  
DG  N9    C8     sing Y N 97  
DG  N9    C4     sing Y N 98  
DG  C8    N7     doub Y N 99  
DG  C8    H8     sing N N 100 
DG  N7    C5     sing Y N 101 
DG  C5    C6     sing N N 102 
DG  C5    C4     doub Y N 103 
DG  C6    O6     doub N N 104 
DG  C6    N1     sing N N 105 
DG  N1    C2     sing N N 106 
DG  N1    H1     sing N N 107 
DG  C2    N2     sing N N 108 
DG  C2    N3     doub N N 109 
DG  N2    H21    sing N N 110 
DG  N2    H22    sing N N 111 
DG  N3    C4     sing N N 112 
HOH O     H1     sing N N 113 
HOH O     H2     sing N N 114 
OMU N1    C2     sing N N 115 
OMU N1    C6     sing N N 116 
OMU N1    "C1'"  sing N N 117 
OMU C2    N3     sing N N 118 
OMU C2    O2     doub N N 119 
OMU N3    C4     sing N N 120 
OMU N3    HN3    sing N N 121 
OMU C4    C5     sing N N 122 
OMU C4    O4     doub N N 123 
OMU C5    C6     doub N N 124 
OMU C5    H5     sing N N 125 
OMU C6    H6     sing N N 126 
OMU "C1'" "C2'"  sing N N 127 
OMU "C1'" "O4'"  sing N N 128 
OMU "C1'" "H1'"  sing N N 129 
OMU "C2'" "O2'"  sing N N 130 
OMU "C2'" "C3'"  sing N N 131 
OMU "C2'" "H2'"  sing N N 132 
OMU "O2'" CM2    sing N N 133 
OMU CM2   HM21   sing N N 134 
OMU CM2   HM22   sing N N 135 
OMU CM2   HM23   sing N N 136 
OMU "C3'" "C4'"  sing N N 137 
OMU "C3'" "O3'"  sing N N 138 
OMU "C3'" "H3'"  sing N N 139 
OMU "C4'" "O4'"  sing N N 140 
OMU "C4'" "C5'"  sing N N 141 
OMU "C4'" "H4'"  sing N N 142 
OMU "O3'" "HO3'" sing N N 143 
OMU "C5'" "O5'"  sing N N 144 
OMU "C5'" "H5'"  sing N N 145 
OMU "C5'" "H5''" sing N N 146 
OMU "O5'" P      sing N N 147 
OMU P     OP1    doub N N 148 
OMU P     OP2    sing N N 149 
OMU P     OP3    sing N N 150 
OMU OP2   HOP2   sing N N 151 
OMU OP3   HOP3   sing N N 152 
US4 P     O2P    doub N N 153 
US4 P     O1P    sing N N 154 
US4 "O5'" P      sing N N 155 
US4 "C5'" "O5'"  sing N N 156 
US4 "C5'" "H15'" sing N N 157 
US4 "C5'" "H25'" sing N N 158 
US4 "C4'" "C5'"  sing N N 159 
US4 "C4'" "C3'"  sing N N 160 
US4 "C4'" "H4'"  sing N N 161 
US4 "C3'" "O3'"  sing N N 162 
US4 "C3'" "H3'"  sing N N 163 
US4 "C2'" "C3'"  sing N N 164 
US4 "C2'" "H12'" sing N N 165 
US4 "C2'" "H22'" sing N N 166 
US4 "C1'" N1     sing N N 167 
US4 "C1'" "C2'"  sing N N 168 
US4 "C1'" "H1'"  sing N N 169 
US4 "O4'" "C1'"  sing N N 170 
US4 "O4'" "C4'"  sing N N 171 
US4 N1    C6     sing N N 172 
US4 C2    N1     sing N N 173 
US4 C2    N3     sing N N 174 
US4 N3    C4     sing N N 175 
US4 N3    HN3    sing N N 176 
US4 C4    C5     sing N N 177 
US4 C4    O4     doub N N 178 
US4 C5    C5M    sing N N 179 
US4 C5M   H15M   sing N N 180 
US4 C5M   H25M   sing N N 181 
US4 C5M   H35M   sing N N 182 
US4 C6    C5     doub N N 183 
US4 C6    H6     sing N N 184 
US4 O2    C2     doub N N 185 
US4 "O3'" "C7'"  sing N N 186 
US4 "C7'" "O8'"  sing N N 187 
US4 "C7'" "H17'" sing N N 188 
US4 "C7'" "H27'" sing N N 189 
US4 "C9'" "CU'"  sing N N 190 
US4 "C9'" "O8'"  sing N N 191 
US4 "C9'" "H19'" sing N N 192 
US4 "C9'" "H29'" sing N N 193 
US4 "CU'" "CY'"  sing N N 194 
US4 "CU'" "HU'"  sing N N 195 
US4 "CY'" "OZ'"  sing N N 196 
US4 "CY'" "HY'"  sing N N 197 
US4 "OZ'" "HOZ'" sing N N 198 
US4 "CX'" "CY'"  sing N N 199 
US4 "CX'" "H1X'" sing N N 200 
US4 "CX'" "H2X'" sing N N 201 
US4 "CW'" N19    sing N N 202 
US4 "CW'" "CX'"  sing N N 203 
US4 "CW'" "HW'"  sing N N 204 
US4 "OV'" "CW'"  sing N N 205 
US4 "OV'" "CU'"  sing N N 206 
US4 N19   C14    sing Y N 207 
US4 N19   C18    sing Y N 208 
US4 C14   C15    sing Y N 209 
US4 N13   C14    doub Y N 210 
US4 N13   C12    sing Y N 211 
US4 C12   N11    doub Y N 212 
US4 C12   H12    sing N N 213 
US4 N11   C16    sing Y N 214 
US4 C16   N16    sing N N 215 
US4 N16   H116   sing N N 216 
US4 N16   H216   sing N N 217 
US4 C15   N17    sing Y N 218 
US4 C15   C16    doub Y N 219 
US4 C18   N17    doub Y N 220 
US4 C18   H18    sing N N 221 
US4 P     O3P    sing N N 222 
US4 O1P   H27    sing N N 223 
US4 O3P   HO3P   sing N N 224 
# 
loop_
_ndb_struct_conf_na.entry_id 
_ndb_struct_conf_na.feature 
3HR3 'a-form double helix' 
3HR3 'internal loop'       
# 
loop_
_ndb_struct_na_base_pair.model_number 
_ndb_struct_na_base_pair.i_label_asym_id 
_ndb_struct_na_base_pair.i_label_comp_id 
_ndb_struct_na_base_pair.i_label_seq_id 
_ndb_struct_na_base_pair.i_symmetry 
_ndb_struct_na_base_pair.j_label_asym_id 
_ndb_struct_na_base_pair.j_label_comp_id 
_ndb_struct_na_base_pair.j_label_seq_id 
_ndb_struct_na_base_pair.j_symmetry 
_ndb_struct_na_base_pair.shear 
_ndb_struct_na_base_pair.stretch 
_ndb_struct_na_base_pair.stagger 
_ndb_struct_na_base_pair.buckle 
_ndb_struct_na_base_pair.propeller 
_ndb_struct_na_base_pair.opening 
_ndb_struct_na_base_pair.pair_number 
_ndb_struct_na_base_pair.pair_name 
_ndb_struct_na_base_pair.i_auth_asym_id 
_ndb_struct_na_base_pair.i_auth_seq_id 
_ndb_struct_na_base_pair.i_PDB_ins_code 
_ndb_struct_na_base_pair.j_auth_asym_id 
_ndb_struct_na_base_pair.j_auth_seq_id 
_ndb_struct_na_base_pair.j_PDB_ins_code 
_ndb_struct_na_base_pair.hbond_type_28 
_ndb_struct_na_base_pair.hbond_type_12 
1 A DG 1 1_555 A DC 9 7_555 -0.242 -0.214 0.003  -4.933 -4.812  -1.909 1 A_DG1:DC10_A A 1 ? A 10 ? 19 1 
1 A DC 2 1_555 A DG 8 7_555 0.192  -0.137 -0.018 -2.305 -6.333  2.154  2 A_DC2:DG9_A  A 2 ? A 9  ? 19 1 
1 A DG 3 1_555 A DC 7 7_555 -0.154 -0.116 0.029  -6.356 -13.798 3.633  3 A_DG3:DC8_A  A 3 ? A 8  ? 19 1 
1 A DG 1 1_555 A DC 9 1_555 -0.242 -0.214 0.003  -4.933 -4.812  -1.909 4 A_DG1:DC10_A A 1 ? A 10 ? 19 1 
1 A DC 2 1_555 A DG 8 1_555 0.192  -0.137 -0.018 -2.305 -6.333  2.154  5 A_DC2:DG9_A  A 2 ? A 9  ? 19 1 
1 A DG 3 1_555 A DC 7 1_555 -0.154 -0.116 0.029  -6.355 -13.798 3.633  6 A_DG3:DC8_A  A 3 ? A 8  ? 19 1 
# 
loop_
_ndb_struct_na_base_pair_step.model_number 
_ndb_struct_na_base_pair_step.i_label_asym_id_1 
_ndb_struct_na_base_pair_step.i_label_comp_id_1 
_ndb_struct_na_base_pair_step.i_label_seq_id_1 
_ndb_struct_na_base_pair_step.i_symmetry_1 
_ndb_struct_na_base_pair_step.j_label_asym_id_1 
_ndb_struct_na_base_pair_step.j_label_comp_id_1 
_ndb_struct_na_base_pair_step.j_label_seq_id_1 
_ndb_struct_na_base_pair_step.j_symmetry_1 
_ndb_struct_na_base_pair_step.i_label_asym_id_2 
_ndb_struct_na_base_pair_step.i_label_comp_id_2 
_ndb_struct_na_base_pair_step.i_label_seq_id_2 
_ndb_struct_na_base_pair_step.i_symmetry_2 
_ndb_struct_na_base_pair_step.j_label_asym_id_2 
_ndb_struct_na_base_pair_step.j_label_comp_id_2 
_ndb_struct_na_base_pair_step.j_label_seq_id_2 
_ndb_struct_na_base_pair_step.j_symmetry_2 
_ndb_struct_na_base_pair_step.shift 
_ndb_struct_na_base_pair_step.slide 
_ndb_struct_na_base_pair_step.rise 
_ndb_struct_na_base_pair_step.tilt 
_ndb_struct_na_base_pair_step.roll 
_ndb_struct_na_base_pair_step.twist 
_ndb_struct_na_base_pair_step.x_displacement 
_ndb_struct_na_base_pair_step.y_displacement 
_ndb_struct_na_base_pair_step.helical_rise 
_ndb_struct_na_base_pair_step.inclination 
_ndb_struct_na_base_pair_step.tip 
_ndb_struct_na_base_pair_step.helical_twist 
_ndb_struct_na_base_pair_step.step_number 
_ndb_struct_na_base_pair_step.step_name 
_ndb_struct_na_base_pair_step.i_auth_asym_id_1 
_ndb_struct_na_base_pair_step.i_auth_seq_id_1 
_ndb_struct_na_base_pair_step.i_PDB_ins_code_1 
_ndb_struct_na_base_pair_step.j_auth_asym_id_1 
_ndb_struct_na_base_pair_step.j_auth_seq_id_1 
_ndb_struct_na_base_pair_step.j_PDB_ins_code_1 
_ndb_struct_na_base_pair_step.i_auth_asym_id_2 
_ndb_struct_na_base_pair_step.i_auth_seq_id_2 
_ndb_struct_na_base_pair_step.i_PDB_ins_code_2 
_ndb_struct_na_base_pair_step.j_auth_asym_id_2 
_ndb_struct_na_base_pair_step.j_auth_seq_id_2 
_ndb_struct_na_base_pair_step.j_PDB_ins_code_2 
1 A DG 1 1_555 A DC 9 7_555 A DC 2 1_555 A DG 8 7_555 -0.324 -1.558 3.339 -0.726 -2.385 36.285 -2.152 0.415  3.437 -3.823 1.164  
36.368 1 AA_DG1DC2:DG9DC10_AA A 1 ? A 10 ? A 2 ? A 9 ? 
1 A DC 2 1_555 A DG 8 7_555 A DG 3 1_555 A DC 7 7_555 0.094  -1.612 3.317 0.385  11.853 27.622 -5.351 -0.109 2.435 23.500 -0.764 
30.015 2 AA_DC2DG3:DC8DG9_AA  A 2 ? A 9  ? A 3 ? A 8 ? 
1 A DG 1 1_555 A DC 9 1_555 A DC 2 1_555 A DG 8 1_555 -0.324 -1.558 3.339 -0.726 -2.385 36.285 -2.152 0.415  3.437 -3.823 1.164  
36.368 3 AA_DG1DC2:DG9DC10_AA A 1 ? A 10 ? A 2 ? A 9 ? 
1 A DC 2 1_555 A DG 8 1_555 A DG 3 1_555 A DC 7 1_555 0.094  -1.612 3.317 0.385  11.853 27.622 -5.351 -0.109 2.435 23.500 -0.764 
30.015 4 AA_DC2DG3:DC8DG9_AA  A 2 ? A 9  ? A 3 ? A 8 ? 
# 
_pdbx_entity_nonpoly.entity_id   2 
_pdbx_entity_nonpoly.name        water 
_pdbx_entity_nonpoly.comp_id     HOH 
# 
_pdbx_initial_refinement_model.id               1 
_pdbx_initial_refinement_model.entity_id_list   ? 
_pdbx_initial_refinement_model.type             'experimental model' 
_pdbx_initial_refinement_model.source_name      PDB 
_pdbx_initial_refinement_model.accession_code   411D 
_pdbx_initial_refinement_model.details          'Single strand from the duplex of PDB ID 411D.' 
# 
